data_7YH5
#
_entry.id   7YH5
#
_cell.length_a   109.310
_cell.length_b   109.310
_cell.length_c   242.910
_cell.angle_alpha   90.000
_cell.angle_beta   90.000
_cell.angle_gamma   90.000
#
_symmetry.space_group_name_H-M   'P 4 21 2'
#
loop_
_entity.id
_entity.type
_entity.pdbx_description
1 polymer 'Nucleoside triphosphate pyrophosphohydrolase'
2 non-polymer 'MAGNESIUM ION'
3 water water
#
_entity_poly.entity_id   1
_entity_poly.type   'polypeptide(L)'
_entity_poly.pdbx_seq_one_letter_code
;MIVVLVDPRRPTLVPVEAIEFLRGEVQYTEEMPVAVPWSLPAARSAHAGNDAPVLLSSDPNHPAVITRLAAGARLISAPD
SQRGERLVDAVAMMDKLRTAGPWESEQTHDSLRRYLLEETYELLDAVRSGSVDQLREELGDLLLQVLFHARIAEDASQSP
FTIDDVADTLMRKLGNRAPGVLAGE
;
_entity_poly.pdbx_strand_id   A,B,C,D,E,F
#
# COMPACT_ATOMS: atom_id res chain seq x y z
N MET A 1 31.25 -12.28 -5.35
CA MET A 1 31.82 -12.09 -4.01
C MET A 1 31.33 -13.16 -3.03
N ILE A 2 30.05 -13.12 -2.68
CA ILE A 2 29.49 -13.98 -1.64
C ILE A 2 28.20 -14.61 -2.11
N VAL A 3 28.06 -15.90 -1.87
CA VAL A 3 26.82 -16.65 -2.12
C VAL A 3 26.36 -17.22 -0.80
N VAL A 4 25.14 -16.89 -0.39
CA VAL A 4 24.51 -17.47 0.79
C VAL A 4 23.41 -18.40 0.30
N LEU A 5 23.56 -19.70 0.56
CA LEU A 5 22.64 -20.75 0.13
C LEU A 5 21.88 -21.24 1.36
N VAL A 6 20.55 -21.22 1.28
CA VAL A 6 19.71 -21.55 2.42
C VAL A 6 19.08 -22.92 2.23
N ASP A 7 18.66 -23.52 3.34
CA ASP A 7 17.92 -24.78 3.28
C ASP A 7 16.61 -24.57 2.52
N PRO A 8 16.37 -25.30 1.42
CA PRO A 8 15.11 -25.11 0.70
C PRO A 8 13.89 -25.48 1.53
N ARG A 9 14.03 -26.38 2.50
CA ARG A 9 12.89 -26.73 3.35
C ARG A 9 12.62 -25.63 4.38
N ARG A 10 13.63 -24.84 4.74
CA ARG A 10 13.52 -23.79 5.75
C ARG A 10 14.03 -22.49 5.16
N PRO A 11 13.30 -21.90 4.21
CA PRO A 11 13.87 -20.85 3.35
C PRO A 11 14.01 -19.48 4.00
N THR A 12 13.38 -19.21 5.15
CA THR A 12 13.55 -17.93 5.82
C THR A 12 14.68 -17.90 6.83
N LEU A 13 15.38 -19.03 7.03
CA LEU A 13 16.46 -19.10 8.00
C LEU A 13 17.79 -18.93 7.28
N VAL A 14 18.64 -18.04 7.82
CA VAL A 14 19.94 -17.74 7.25
C VAL A 14 21.03 -18.19 8.22
N PRO A 15 22.17 -18.67 7.74
CA PRO A 15 23.30 -18.97 8.64
C PRO A 15 23.80 -17.71 9.35
N VAL A 16 24.11 -17.86 10.64
CA VAL A 16 24.61 -16.74 11.43
C VAL A 16 25.85 -16.13 10.80
N GLU A 17 26.67 -16.94 10.13
CA GLU A 17 27.88 -16.45 9.49
C GLU A 17 27.61 -15.49 8.34
N ALA A 18 26.35 -15.34 7.92
CA ALA A 18 26.01 -14.47 6.81
C ALA A 18 25.43 -13.13 7.24
N ILE A 19 25.25 -12.92 8.56
CA ILE A 19 24.62 -11.69 9.04
C ILE A 19 25.43 -10.47 8.62
N GLU A 20 26.77 -10.57 8.70
CA GLU A 20 27.63 -9.46 8.30
C GLU A 20 27.35 -8.99 6.88
N PHE A 21 26.90 -9.89 6.00
CA PHE A 21 26.95 -9.67 4.57
C PHE A 21 25.60 -9.31 3.95
N LEU A 22 24.51 -9.48 4.68
CA LEU A 22 23.18 -9.13 4.14
C LEU A 22 22.79 -7.71 4.51
N ARG A 23 23.75 -6.79 4.46
CA ARG A 23 23.50 -5.39 4.82
C ARG A 23 23.39 -4.48 3.61
N GLY A 24 24.20 -4.70 2.57
CA GLY A 24 24.21 -3.81 1.43
C GLY A 24 23.29 -4.22 0.31
N GLU A 25 23.77 -4.13 -0.93
CA GLU A 25 23.00 -4.63 -2.06
C GLU A 25 23.02 -6.15 -2.07
N VAL A 26 21.86 -6.75 -2.31
CA VAL A 26 21.73 -8.21 -2.29
C VAL A 26 20.77 -8.62 -3.39
N GLN A 27 21.06 -9.76 -4.02
CA GLN A 27 20.23 -10.35 -5.08
C GLN A 27 19.66 -11.69 -4.61
N TYR A 28 18.44 -11.98 -5.04
CA TYR A 28 17.76 -13.22 -4.68
C TYR A 28 17.30 -13.94 -5.94
N THR A 29 17.37 -15.26 -5.91
CA THR A 29 16.94 -16.04 -7.06
C THR A 29 15.42 -16.26 -7.01
N GLU A 30 14.87 -16.71 -8.13
CA GLU A 30 13.42 -16.64 -8.33
C GLU A 30 12.65 -17.48 -7.32
N GLU A 31 13.21 -18.61 -6.89
CA GLU A 31 12.46 -19.52 -6.03
C GLU A 31 12.39 -19.07 -4.58
N MET A 32 13.13 -18.04 -4.20
CA MET A 32 13.06 -17.52 -2.84
C MET A 32 11.67 -16.92 -2.58
N PRO A 33 11.14 -17.06 -1.37
CA PRO A 33 9.82 -16.46 -1.09
C PRO A 33 9.92 -14.94 -1.11
N VAL A 34 8.85 -14.31 -1.58
CA VAL A 34 8.83 -12.85 -1.69
C VAL A 34 9.06 -12.20 -0.33
N ALA A 35 8.66 -12.86 0.75
CA ALA A 35 8.79 -12.31 2.10
C ALA A 35 10.23 -12.05 2.52
N VAL A 36 11.19 -12.78 1.97
CA VAL A 36 12.58 -12.69 2.44
C VAL A 36 13.17 -11.32 2.12
N PRO A 37 13.12 -10.83 0.86
CA PRO A 37 13.64 -9.47 0.61
C PRO A 37 12.92 -8.39 1.39
N TRP A 38 11.65 -8.61 1.75
CA TRP A 38 10.91 -7.64 2.55
C TRP A 38 11.40 -7.59 3.98
N SER A 39 12.05 -8.65 4.44
CA SER A 39 12.51 -8.75 5.83
C SER A 39 13.94 -8.26 6.00
N LEU A 40 14.65 -7.99 4.90
CA LEU A 40 15.97 -7.39 4.96
C LEU A 40 15.79 -5.89 4.75
N PRO A 41 15.36 -5.23 5.83
CA PRO A 41 15.05 -3.79 5.78
C PRO A 41 16.18 -3.00 5.14
N ALA A 42 17.42 -3.43 5.36
CA ALA A 42 18.59 -2.85 4.68
C ALA A 42 18.71 -3.53 3.31
N ALA A 43 18.06 -2.95 2.31
CA ALA A 43 18.02 -3.53 0.97
C ALA A 43 19.08 -2.90 0.08
N ASP A 51 25.59 -8.19 -10.49
CA ASP A 51 25.76 -6.79 -10.12
C ASP A 51 25.94 -6.63 -8.61
N ALA A 52 25.10 -7.32 -7.84
CA ALA A 52 25.27 -7.23 -6.39
C ALA A 52 26.39 -8.16 -5.91
N PRO A 53 27.15 -7.75 -4.90
CA PRO A 53 28.19 -8.63 -4.36
C PRO A 53 27.65 -9.85 -3.64
N VAL A 54 26.43 -9.79 -3.11
CA VAL A 54 25.87 -10.83 -2.26
C VAL A 54 24.65 -11.41 -2.96
N LEU A 55 24.64 -12.73 -3.15
CA LEU A 55 23.53 -13.42 -3.76
C LEU A 55 22.92 -14.39 -2.76
N LEU A 56 21.60 -14.28 -2.56
CA LEU A 56 20.83 -15.08 -1.62
C LEU A 56 19.95 -16.03 -2.42
N SER A 57 20.05 -17.33 -2.13
CA SER A 57 19.36 -18.33 -2.95
C SER A 57 19.04 -19.56 -2.11
N SER A 58 18.14 -20.38 -2.63
CA SER A 58 17.88 -21.69 -2.05
C SER A 58 18.19 -22.82 -3.04
N ASP A 59 18.66 -22.49 -4.24
CA ASP A 59 18.87 -23.47 -5.30
C ASP A 59 20.34 -23.61 -5.69
N PRO A 60 21.01 -24.71 -5.32
CA PRO A 60 22.42 -24.86 -5.71
C PRO A 60 22.62 -25.07 -7.21
N ASN A 61 21.58 -25.42 -7.96
CA ASN A 61 21.68 -25.63 -9.39
C ASN A 61 21.27 -24.41 -10.20
N HIS A 62 21.00 -23.29 -9.54
CA HIS A 62 20.71 -22.05 -10.24
C HIS A 62 21.94 -21.59 -11.01
N PRO A 63 21.77 -21.10 -12.24
CA PRO A 63 22.94 -20.69 -13.04
C PRO A 63 23.76 -19.59 -12.38
N ALA A 64 23.11 -18.61 -11.75
CA ALA A 64 23.87 -17.54 -11.11
C ALA A 64 24.69 -18.05 -9.94
N VAL A 65 24.16 -19.03 -9.20
CA VAL A 65 24.93 -19.63 -8.11
C VAL A 65 26.15 -20.37 -8.66
N ILE A 66 25.96 -21.13 -9.74
CA ILE A 66 27.04 -21.96 -10.27
C ILE A 66 28.17 -21.10 -10.81
N THR A 67 27.84 -20.10 -11.63
CA THR A 67 28.88 -19.23 -12.20
C THR A 67 29.62 -18.45 -11.11
N ARG A 68 28.87 -17.88 -10.16
CA ARG A 68 29.52 -17.05 -9.14
C ARG A 68 30.42 -17.88 -8.24
N LEU A 69 30.00 -19.12 -7.94
CA LEU A 69 30.86 -19.99 -7.13
C LEU A 69 32.11 -20.39 -7.90
N ALA A 70 31.96 -20.74 -9.19
CA ALA A 70 33.11 -21.06 -10.02
C ALA A 70 34.05 -19.87 -10.19
N ALA A 71 33.55 -18.64 -10.02
CA ALA A 71 34.35 -17.43 -10.13
C ALA A 71 35.07 -17.07 -8.84
N GLY A 72 35.02 -17.92 -7.83
CA GLY A 72 35.72 -17.67 -6.58
C GLY A 72 34.91 -17.06 -5.47
N ALA A 73 33.59 -16.95 -5.63
CA ALA A 73 32.76 -16.41 -4.57
C ALA A 73 32.81 -17.32 -3.34
N ARG A 74 32.68 -16.71 -2.17
CA ARG A 74 32.67 -17.47 -0.93
C ARG A 74 31.27 -17.97 -0.65
N LEU A 75 31.17 -19.21 -0.18
CA LEU A 75 29.90 -19.87 0.05
C LEU A 75 29.62 -19.93 1.54
N ILE A 76 28.46 -19.43 1.94
CA ILE A 76 27.97 -19.54 3.30
C ILE A 76 26.64 -20.27 3.21
N SER A 77 26.63 -21.55 3.57
CA SER A 77 25.48 -22.41 3.33
C SER A 77 24.92 -22.95 4.63
N ALA A 78 23.60 -23.15 4.64
CA ALA A 78 22.96 -23.91 5.70
C ALA A 78 23.49 -25.35 5.68
N PRO A 79 23.48 -26.03 6.82
CA PRO A 79 23.94 -27.43 6.86
C PRO A 79 23.10 -28.35 5.97
N ASP A 80 23.74 -29.42 5.50
CA ASP A 80 23.06 -30.40 4.68
C ASP A 80 21.97 -31.10 5.49
N SER A 81 21.05 -31.74 4.79
CA SER A 81 19.96 -32.43 5.45
C SER A 81 20.48 -33.69 6.13
N GLN A 82 19.89 -34.02 7.28
CA GLN A 82 20.30 -35.22 7.99
C GLN A 82 19.62 -36.43 7.36
N ARG A 83 20.18 -37.60 7.63
CA ARG A 83 19.50 -38.83 7.25
C ARG A 83 18.11 -38.84 7.86
N GLY A 84 17.09 -38.99 7.02
CA GLY A 84 15.72 -39.10 7.48
C GLY A 84 14.84 -37.89 7.21
N GLU A 85 15.39 -36.79 6.70
CA GLU A 85 14.55 -35.63 6.40
C GLU A 85 13.50 -35.98 5.35
N ARG A 86 13.80 -36.92 4.45
CA ARG A 86 12.82 -37.36 3.47
C ARG A 86 11.63 -38.06 4.12
N LEU A 87 11.76 -38.48 5.39
CA LEU A 87 10.59 -39.01 6.10
C LEU A 87 9.55 -37.93 6.35
N VAL A 88 9.99 -36.71 6.63
CA VAL A 88 9.03 -35.64 6.86
C VAL A 88 8.30 -35.29 5.57
N ASP A 89 8.96 -35.43 4.41
CA ASP A 89 8.24 -35.32 3.15
C ASP A 89 7.17 -36.41 3.04
N ALA A 90 7.52 -37.63 3.43
CA ALA A 90 6.57 -38.74 3.35
C ALA A 90 5.37 -38.51 4.27
N VAL A 91 5.60 -37.92 5.44
CA VAL A 91 4.49 -37.62 6.34
C VAL A 91 3.58 -36.57 5.72
N ALA A 92 4.17 -35.55 5.10
CA ALA A 92 3.36 -34.52 4.45
C ALA A 92 2.55 -35.09 3.30
N MET A 93 3.14 -35.99 2.52
CA MET A 93 2.39 -36.60 1.43
C MET A 93 1.33 -37.55 1.96
N MET A 94 1.60 -38.23 3.08
CA MET A 94 0.56 -39.03 3.71
C MET A 94 -0.58 -38.16 4.23
N ASP A 95 -0.26 -36.95 4.70
CA ASP A 95 -1.30 -36.04 5.18
C ASP A 95 -2.18 -35.55 4.04
N LYS A 96 -1.58 -35.24 2.89
CA LYS A 96 -2.37 -34.73 1.77
C LYS A 96 -3.32 -35.80 1.24
N LEU A 97 -2.85 -37.05 1.16
CA LEU A 97 -3.72 -38.10 0.63
C LEU A 97 -4.79 -38.52 1.63
N ARG A 98 -4.53 -38.35 2.93
CA ARG A 98 -5.57 -38.62 3.92
C ARG A 98 -6.75 -37.67 3.75
N THR A 99 -6.49 -36.45 3.28
CA THR A 99 -7.51 -35.42 3.14
C THR A 99 -8.10 -35.31 1.74
N ALA A 100 -7.32 -35.61 0.71
CA ALA A 100 -7.77 -35.46 -0.67
C ALA A 100 -8.17 -36.77 -1.33
N GLY A 101 -7.74 -37.91 -0.79
CA GLY A 101 -8.10 -39.20 -1.33
C GLY A 101 -9.35 -39.75 -0.68
N PRO A 102 -10.42 -39.93 -1.47
CA PRO A 102 -11.67 -40.45 -0.90
C PRO A 102 -11.52 -41.79 -0.18
N TRP A 103 -10.83 -42.75 -0.78
CA TRP A 103 -10.65 -44.05 -0.13
C TRP A 103 -9.86 -43.91 1.17
N GLU A 104 -8.74 -43.18 1.12
CA GLU A 104 -7.92 -42.99 2.30
C GLU A 104 -8.65 -42.21 3.38
N SER A 105 -9.57 -41.33 2.99
CA SER A 105 -10.31 -40.55 3.98
C SER A 105 -11.27 -41.39 4.80
N GLU A 106 -11.64 -42.57 4.31
CA GLU A 106 -12.56 -43.45 5.03
C GLU A 106 -11.86 -44.50 5.89
N GLN A 107 -10.57 -44.73 5.67
CA GLN A 107 -9.88 -45.83 6.34
C GLN A 107 -9.82 -45.60 7.84
N THR A 108 -10.02 -46.69 8.58
CA THR A 108 -9.90 -46.70 10.03
C THR A 108 -8.83 -47.68 10.45
N HIS A 109 -8.57 -47.73 11.76
CA HIS A 109 -7.63 -48.71 12.30
C HIS A 109 -8.06 -50.13 11.95
N ASP A 110 -9.36 -50.42 12.07
CA ASP A 110 -9.86 -51.76 11.78
C ASP A 110 -9.75 -52.08 10.29
N SER A 111 -10.12 -51.13 9.43
CA SER A 111 -10.14 -51.42 8.00
C SER A 111 -8.73 -51.54 7.43
N LEU A 112 -7.73 -50.92 8.05
CA LEU A 112 -6.36 -51.05 7.60
C LEU A 112 -5.71 -52.35 8.06
N ARG A 113 -6.29 -53.02 9.07
CA ARG A 113 -5.76 -54.29 9.56
C ARG A 113 -5.42 -55.24 8.43
N ARG A 114 -6.28 -55.28 7.40
CA ARG A 114 -6.17 -56.28 6.34
C ARG A 114 -4.83 -56.20 5.63
N TYR A 115 -4.41 -55.00 5.24
CA TYR A 115 -3.19 -54.79 4.46
C TYR A 115 -1.94 -54.75 5.33
N LEU A 116 -2.09 -54.68 6.66
CA LEU A 116 -0.93 -54.80 7.54
C LEU A 116 -0.31 -56.20 7.44
N LEU A 117 -1.13 -57.25 7.56
CA LEU A 117 -0.61 -58.60 7.45
C LEU A 117 -0.15 -58.92 6.03
N GLU A 118 -0.82 -58.36 5.02
CA GLU A 118 -0.42 -58.62 3.64
C GLU A 118 1.00 -58.13 3.35
N GLU A 119 1.30 -56.89 3.73
CA GLU A 119 2.60 -56.32 3.37
C GLU A 119 3.74 -56.87 4.23
N THR A 120 3.47 -57.16 5.51
CA THR A 120 4.53 -57.73 6.35
C THR A 120 4.97 -59.10 5.85
N TYR A 121 4.03 -59.91 5.34
CA TYR A 121 4.40 -61.18 4.75
C TYR A 121 5.21 -60.98 3.47
N GLU A 122 4.81 -59.99 2.66
CA GLU A 122 5.57 -59.69 1.45
C GLU A 122 6.98 -59.21 1.77
N LEU A 123 7.14 -58.46 2.86
CA LEU A 123 8.48 -58.05 3.27
C LEU A 123 9.36 -59.25 3.62
N LEU A 124 8.79 -60.20 4.38
CA LEU A 124 9.51 -61.43 4.68
C LEU A 124 9.86 -62.17 3.40
N ASP A 125 8.95 -62.17 2.43
CA ASP A 125 9.23 -62.79 1.14
C ASP A 125 10.40 -62.10 0.44
N ALA A 126 10.57 -60.79 0.65
CA ALA A 126 11.68 -60.08 0.04
C ALA A 126 13.00 -60.36 0.73
N VAL A 127 12.97 -60.63 2.03
CA VAL A 127 14.21 -60.89 2.77
C VAL A 127 14.81 -62.22 2.36
N ARG A 128 13.99 -63.27 2.33
CA ARG A 128 14.42 -64.59 1.89
C ARG A 128 14.50 -64.72 0.37
N SER A 129 14.40 -63.60 -0.36
CA SER A 129 14.60 -63.60 -1.80
C SER A 129 15.92 -62.97 -2.22
N GLY A 130 16.53 -62.15 -1.38
CA GLY A 130 17.78 -61.51 -1.68
C GLY A 130 17.67 -60.21 -2.45
N SER A 131 16.59 -60.01 -3.19
CA SER A 131 16.42 -58.83 -4.04
C SER A 131 16.43 -57.53 -3.23
N VAL A 132 17.47 -56.70 -3.42
CA VAL A 132 17.55 -55.45 -2.68
C VAL A 132 16.47 -54.46 -3.12
N ASP A 133 16.12 -54.46 -4.41
CA ASP A 133 15.11 -53.54 -4.91
C ASP A 133 13.73 -53.87 -4.37
N GLN A 134 13.46 -55.15 -4.10
CA GLN A 134 12.21 -55.55 -3.48
C GLN A 134 12.24 -55.41 -1.96
N LEU A 135 13.41 -55.57 -1.34
CA LEU A 135 13.51 -55.32 0.09
C LEU A 135 13.25 -53.85 0.39
N ARG A 136 13.84 -52.95 -0.40
CA ARG A 136 13.58 -51.52 -0.21
C ARG A 136 12.15 -51.16 -0.54
N GLU A 137 11.53 -51.84 -1.51
CA GLU A 137 10.16 -51.55 -1.87
C GLU A 137 9.20 -51.97 -0.77
N GLU A 138 9.34 -53.21 -0.27
CA GLU A 138 8.46 -53.68 0.79
C GLU A 138 8.74 -53.01 2.12
N LEU A 139 9.92 -52.41 2.29
CA LEU A 139 10.15 -51.60 3.47
C LEU A 139 9.33 -50.32 3.44
N GLY A 140 9.24 -49.68 2.26
CA GLY A 140 8.38 -48.51 2.13
C GLY A 140 6.90 -48.84 2.28
N ASP A 141 6.49 -50.02 1.83
CA ASP A 141 5.11 -50.43 2.00
C ASP A 141 4.76 -50.60 3.47
N LEU A 142 5.66 -51.19 4.26
CA LEU A 142 5.43 -51.32 5.69
C LEU A 142 5.51 -49.96 6.38
N LEU A 143 6.49 -49.14 5.99
CA LEU A 143 6.56 -47.78 6.51
C LEU A 143 5.27 -47.01 6.27
N LEU A 144 4.66 -47.17 5.09
CA LEU A 144 3.40 -46.48 4.80
C LEU A 144 2.33 -46.80 5.83
N GLN A 145 2.22 -48.07 6.21
CA GLN A 145 1.21 -48.47 7.20
C GLN A 145 1.39 -47.71 8.51
N VAL A 146 2.64 -47.55 8.95
CA VAL A 146 2.89 -46.84 10.22
C VAL A 146 2.46 -45.39 10.10
N LEU A 147 2.83 -44.73 8.99
CA LEU A 147 2.40 -43.35 8.78
C LEU A 147 0.88 -43.26 8.63
N PHE A 148 0.29 -44.20 7.92
CA PHE A 148 -1.16 -44.21 7.74
C PHE A 148 -1.89 -44.35 9.07
N HIS A 149 -1.48 -45.34 9.89
CA HIS A 149 -2.13 -45.52 11.18
C HIS A 149 -1.92 -44.31 12.07
N ALA A 150 -0.71 -43.73 12.05
CA ALA A 150 -0.45 -42.54 12.87
C ALA A 150 -1.28 -41.36 12.40
N ARG A 151 -1.44 -41.21 11.08
CA ARG A 151 -2.24 -40.11 10.55
C ARG A 151 -3.71 -40.28 10.91
N ILE A 152 -4.20 -41.51 10.88
CA ILE A 152 -5.58 -41.77 11.28
C ILE A 152 -5.78 -41.42 12.75
N ALA A 153 -4.77 -41.68 13.59
CA ALA A 153 -4.87 -41.33 15.00
C ALA A 153 -5.05 -39.83 15.20
N GLU A 154 -4.51 -39.00 14.28
CA GLU A 154 -4.65 -37.56 14.43
C GLU A 154 -6.10 -37.12 14.33
N ASP A 155 -6.91 -37.81 13.53
CA ASP A 155 -8.32 -37.49 13.39
C ASP A 155 -9.17 -37.99 14.55
N ALA A 156 -8.60 -38.79 15.44
CA ALA A 156 -9.37 -39.38 16.54
C ALA A 156 -10.00 -38.32 17.43
N SER A 157 -11.26 -38.56 17.81
CA SER A 157 -12.00 -37.63 18.66
C SER A 157 -11.68 -37.79 20.15
N GLN A 158 -11.18 -38.96 20.55
CA GLN A 158 -11.05 -39.31 21.97
C GLN A 158 -9.67 -39.00 22.55
N SER A 159 -8.61 -39.52 21.94
CA SER A 159 -7.25 -39.36 22.47
C SER A 159 -6.27 -39.43 21.30
N PRO A 160 -6.26 -38.41 20.45
CA PRO A 160 -5.46 -38.49 19.22
C PRO A 160 -3.97 -38.31 19.49
N PHE A 161 -3.18 -38.89 18.60
CA PHE A 161 -1.73 -38.68 18.55
C PHE A 161 -1.31 -38.61 17.09
N THR A 162 -0.03 -38.34 16.87
CA THR A 162 0.52 -38.16 15.53
C THR A 162 1.77 -39.02 15.38
N ILE A 163 2.38 -38.95 14.19
CA ILE A 163 3.61 -39.69 13.93
C ILE A 163 4.72 -39.22 14.86
N ASP A 164 4.71 -37.94 15.24
CA ASP A 164 5.71 -37.44 16.18
C ASP A 164 5.57 -38.11 17.54
N ASP A 165 4.34 -38.37 17.97
CA ASP A 165 4.13 -39.03 19.27
C ASP A 165 4.66 -40.46 19.27
N VAL A 166 4.37 -41.24 18.23
CA VAL A 166 4.89 -42.60 18.17
C VAL A 166 6.40 -42.59 18.06
N ALA A 167 6.96 -41.58 17.38
CA ALA A 167 8.41 -41.41 17.35
C ALA A 167 8.95 -41.14 18.74
N ASP A 168 8.22 -40.36 19.54
CA ASP A 168 8.63 -40.09 20.91
C ASP A 168 8.58 -41.36 21.75
N THR A 169 7.56 -42.19 21.53
CA THR A 169 7.39 -43.40 22.32
C THR A 169 8.48 -44.42 22.03
N LEU A 170 8.89 -44.54 20.77
CA LEU A 170 9.98 -45.43 20.42
C LEU A 170 11.28 -45.02 21.12
N MET A 171 11.53 -43.73 21.15
CA MET A 171 12.79 -43.26 21.75
C MET A 171 12.78 -43.49 23.25
N ARG A 172 11.68 -43.24 23.93
CA ARG A 172 11.67 -43.46 25.38
C ARG A 172 11.94 -44.95 25.63
N LYS A 173 11.30 -45.84 24.87
CA LYS A 173 11.59 -47.28 25.00
C LYS A 173 13.04 -47.51 24.58
N LEU A 174 13.51 -46.83 23.54
CA LEU A 174 14.91 -47.01 23.11
C LEU A 174 15.89 -46.55 24.19
N GLY A 175 15.53 -45.52 24.96
CA GLY A 175 16.46 -45.06 26.00
C GLY A 175 16.79 -46.19 26.95
N ASN A 176 15.81 -46.97 27.38
CA ASN A 176 16.11 -48.12 28.25
C ASN A 176 16.45 -49.32 27.37
N MET B 1 13.74 -6.74 25.70
CA MET B 1 12.93 -6.08 24.68
C MET B 1 12.58 -7.03 23.54
N ILE B 2 13.56 -7.78 23.06
CA ILE B 2 13.36 -8.69 21.93
C ILE B 2 13.88 -10.07 22.31
N VAL B 3 13.13 -11.11 21.94
CA VAL B 3 13.54 -12.49 22.15
C VAL B 3 13.54 -13.18 20.79
N VAL B 4 14.67 -13.79 20.43
CA VAL B 4 14.82 -14.49 19.16
C VAL B 4 14.93 -15.98 19.44
N LEU B 5 13.92 -16.73 19.00
CA LEU B 5 13.90 -18.18 19.16
C LEU B 5 14.18 -18.84 17.82
N VAL B 6 15.19 -19.71 17.80
CA VAL B 6 15.61 -20.36 16.57
C VAL B 6 15.13 -21.81 16.59
N ASP B 7 15.29 -22.48 15.46
CA ASP B 7 14.94 -23.89 15.34
C ASP B 7 15.93 -24.73 16.14
N PRO B 8 15.48 -25.53 17.12
CA PRO B 8 16.44 -26.33 17.89
C PRO B 8 17.20 -27.35 17.05
N ARG B 9 16.60 -27.87 15.98
CA ARG B 9 17.32 -28.77 15.10
C ARG B 9 18.22 -28.04 14.12
N ARG B 10 18.08 -26.72 14.00
CA ARG B 10 19.01 -25.89 13.25
C ARG B 10 19.37 -24.67 14.09
N PRO B 11 19.99 -24.87 15.26
CA PRO B 11 20.27 -23.73 16.14
C PRO B 11 21.31 -22.78 15.57
N THR B 12 21.90 -23.12 14.44
CA THR B 12 22.91 -22.32 13.77
C THR B 12 22.32 -21.37 12.73
N LEU B 13 21.01 -21.42 12.49
CA LEU B 13 20.35 -20.54 11.55
C LEU B 13 19.45 -19.56 12.31
N VAL B 14 19.30 -18.35 11.78
CA VAL B 14 18.50 -17.33 12.44
C VAL B 14 17.36 -16.88 11.54
N PRO B 15 16.21 -16.50 12.09
CA PRO B 15 15.13 -15.95 11.26
C PRO B 15 15.56 -14.64 10.62
N VAL B 16 15.28 -14.53 9.31
CA VAL B 16 15.73 -13.39 8.53
C VAL B 16 15.29 -12.06 9.15
N GLU B 17 14.14 -12.04 9.80
CA GLU B 17 13.64 -10.80 10.40
C GLU B 17 14.49 -10.31 11.58
N ALA B 18 15.39 -11.14 12.09
CA ALA B 18 16.12 -10.81 13.32
C ALA B 18 17.53 -10.26 13.07
N ILE B 19 18.02 -10.28 11.83
CA ILE B 19 19.44 -10.02 11.61
C ILE B 19 19.81 -8.58 11.97
N GLU B 20 18.90 -7.63 11.80
CA GLU B 20 19.20 -6.25 12.18
C GLU B 20 19.30 -6.11 13.69
N PHE B 21 18.47 -6.84 14.43
CA PHE B 21 18.52 -6.84 15.88
C PHE B 21 19.63 -7.71 16.43
N LEU B 22 20.38 -8.41 15.58
CA LEU B 22 21.41 -9.33 16.03
C LEU B 22 22.82 -8.75 15.94
N ARG B 23 22.99 -7.56 15.38
CA ARG B 23 24.32 -6.96 15.26
C ARG B 23 24.68 -6.07 16.43
N GLY B 24 23.74 -5.79 17.32
CA GLY B 24 24.01 -5.03 18.53
C GLY B 24 24.34 -5.93 19.70
N GLU B 25 24.14 -5.40 20.89
CA GLU B 25 24.33 -6.18 22.11
C GLU B 25 23.25 -7.25 22.21
N VAL B 26 23.65 -8.52 22.18
CA VAL B 26 22.74 -9.64 22.32
C VAL B 26 23.30 -10.60 23.35
N GLN B 27 22.39 -11.35 23.98
CA GLN B 27 22.74 -12.43 24.89
C GLN B 27 22.25 -13.75 24.30
N TYR B 28 23.10 -14.78 24.37
CA TYR B 28 22.72 -16.10 23.90
C TYR B 28 22.67 -17.06 25.09
N THR B 29 21.69 -17.98 25.05
CA THR B 29 21.58 -18.96 26.11
C THR B 29 22.63 -20.05 25.94
N GLU B 30 22.84 -20.80 27.03
CA GLU B 30 24.00 -21.66 27.14
C GLU B 30 23.91 -22.90 26.25
N GLU B 31 22.73 -23.25 25.76
CA GLU B 31 22.58 -24.37 24.85
C GLU B 31 22.83 -24.00 23.40
N MET B 32 23.04 -22.71 23.10
CA MET B 32 23.36 -22.31 21.74
C MET B 32 24.72 -22.86 21.34
N PRO B 33 24.89 -23.30 20.10
CA PRO B 33 26.20 -23.83 19.68
C PRO B 33 27.25 -22.74 19.64
N VAL B 34 28.51 -23.17 19.79
CA VAL B 34 29.67 -22.27 19.92
C VAL B 34 29.81 -21.42 18.67
N ALA B 35 29.21 -21.88 17.56
CA ALA B 35 29.31 -21.16 16.31
C ALA B 35 28.68 -19.77 16.40
N VAL B 36 27.68 -19.62 17.26
CA VAL B 36 26.91 -18.36 17.33
C VAL B 36 27.77 -17.22 17.91
N PRO B 37 28.41 -17.36 19.08
CA PRO B 37 29.22 -16.24 19.58
C PRO B 37 30.42 -15.90 18.72
N TRP B 38 30.90 -16.84 17.89
CA TRP B 38 32.01 -16.53 16.98
C TRP B 38 31.54 -15.80 15.73
N SER B 39 30.25 -15.87 15.41
CA SER B 39 29.68 -15.13 14.29
C SER B 39 29.06 -13.80 14.72
N LEU B 40 28.37 -13.77 15.85
CA LEU B 40 27.87 -12.53 16.39
C LEU B 40 29.02 -11.78 17.04
N PRO B 41 29.41 -10.62 16.51
CA PRO B 41 30.60 -9.93 17.03
C PRO B 41 30.47 -9.53 18.49
N ALA B 42 29.42 -8.79 18.84
CA ALA B 42 29.25 -8.23 20.17
C ALA B 42 28.19 -8.96 20.98
N ALA B 43 28.28 -10.28 21.06
CA ALA B 43 27.36 -11.10 21.83
C ALA B 43 28.06 -11.62 23.09
N ARG B 44 27.25 -12.10 24.01
CA ARG B 44 27.77 -12.65 25.27
C ARG B 44 26.72 -13.58 25.85
N SER B 45 27.11 -14.28 26.91
CA SER B 45 26.22 -15.25 27.54
C SER B 45 25.14 -14.53 28.35
N ALA B 46 24.01 -15.23 28.52
CA ALA B 46 22.89 -14.71 29.29
C ALA B 46 23.11 -14.81 30.81
N HIS B 47 24.22 -15.40 31.25
CA HIS B 47 24.61 -15.35 32.65
C HIS B 47 25.82 -14.44 32.84
N ALA B 48 25.94 -13.42 31.99
CA ALA B 48 27.10 -12.53 31.99
C ALA B 48 26.62 -11.11 31.73
N GLY B 49 26.90 -10.21 32.68
CA GLY B 49 26.52 -8.82 32.54
C GLY B 49 25.06 -8.59 32.86
N ASN B 50 24.62 -7.37 32.59
CA ASN B 50 23.20 -7.05 32.74
C ASN B 50 22.44 -7.48 31.49
N ASP B 51 21.12 -7.51 31.60
CA ASP B 51 20.27 -8.01 30.52
C ASP B 51 20.48 -7.20 29.25
N ALA B 52 20.60 -7.92 28.12
CA ALA B 52 20.76 -7.31 26.80
C ALA B 52 19.39 -7.11 26.14
N PRO B 53 19.26 -6.06 25.33
CA PRO B 53 17.94 -5.75 24.74
C PRO B 53 17.39 -6.86 23.85
N VAL B 54 18.22 -7.80 23.43
CA VAL B 54 17.77 -8.96 22.66
C VAL B 54 18.49 -10.20 23.18
N LEU B 55 17.74 -11.27 23.39
CA LEU B 55 18.27 -12.54 23.87
C LEU B 55 18.02 -13.60 22.80
N LEU B 56 19.07 -14.31 22.42
CA LEU B 56 19.03 -15.30 21.36
C LEU B 56 19.07 -16.70 21.98
N SER B 57 18.10 -17.53 21.60
CA SER B 57 17.98 -18.84 22.23
C SER B 57 17.33 -19.83 21.27
N SER B 58 17.33 -21.09 21.69
CA SER B 58 16.61 -22.14 21.00
C SER B 58 15.66 -22.89 21.92
N ASP B 59 15.65 -22.56 23.21
CA ASP B 59 14.87 -23.29 24.21
C ASP B 59 13.71 -22.44 24.70
N PRO B 60 12.48 -22.70 24.26
CA PRO B 60 11.34 -21.89 24.73
C PRO B 60 11.09 -21.99 26.22
N ASN B 61 11.65 -23.00 26.91
CA ASN B 61 11.44 -23.17 28.34
C ASN B 61 12.53 -22.54 29.20
N HIS B 62 13.62 -22.07 28.60
CA HIS B 62 14.69 -21.45 29.34
C HIS B 62 14.14 -20.32 30.21
N PRO B 63 14.57 -20.20 31.47
CA PRO B 63 13.98 -19.19 32.36
C PRO B 63 14.04 -17.77 31.83
N ALA B 64 15.17 -17.36 31.24
CA ALA B 64 15.28 -16.02 30.70
C ALA B 64 14.24 -15.77 29.62
N VAL B 65 14.00 -16.77 28.75
CA VAL B 65 13.00 -16.61 27.70
C VAL B 65 11.62 -16.41 28.31
N ILE B 66 11.26 -17.24 29.29
CA ILE B 66 9.98 -17.09 29.97
C ILE B 66 9.92 -15.74 30.69
N THR B 67 11.02 -15.33 31.30
CA THR B 67 11.11 -14.05 32.00
C THR B 67 10.77 -12.89 31.07
N ARG B 68 11.60 -12.68 30.04
CA ARG B 68 11.44 -11.51 29.19
C ARG B 68 10.14 -11.57 28.40
N LEU B 69 9.68 -12.76 28.02
CA LEU B 69 8.38 -12.87 27.37
C LEU B 69 7.26 -12.37 28.29
N ALA B 70 7.30 -12.79 29.56
CA ALA B 70 6.27 -12.36 30.51
C ALA B 70 6.31 -10.87 30.75
N ALA B 71 7.48 -10.25 30.64
CA ALA B 71 7.63 -8.81 30.81
C ALA B 71 7.35 -8.04 29.53
N GLY B 72 6.79 -8.69 28.51
CA GLY B 72 6.38 -7.99 27.31
C GLY B 72 7.44 -7.79 26.25
N ALA B 73 8.43 -8.67 26.18
CA ALA B 73 9.38 -8.60 25.08
C ALA B 73 8.74 -9.13 23.80
N ARG B 74 9.12 -8.54 22.67
CA ARG B 74 8.61 -8.99 21.38
C ARG B 74 9.38 -10.22 20.92
N LEU B 75 8.65 -11.19 20.39
CA LEU B 75 9.22 -12.45 19.95
C LEU B 75 9.38 -12.45 18.43
N ILE B 76 10.58 -12.81 17.97
CA ILE B 76 10.86 -13.09 16.58
C ILE B 76 11.31 -14.54 16.51
N SER B 77 10.48 -15.41 15.94
CA SER B 77 10.66 -16.83 16.06
C SER B 77 10.82 -17.50 14.70
N ALA B 78 11.66 -18.53 14.65
CA ALA B 78 11.72 -19.40 13.49
C ALA B 78 10.39 -20.14 13.35
N PRO B 79 10.07 -20.61 12.15
CA PRO B 79 8.82 -21.37 11.98
C PRO B 79 8.81 -22.61 12.87
N ASP B 80 7.60 -22.97 13.31
CA ASP B 80 7.42 -24.18 14.11
C ASP B 80 7.90 -25.39 13.34
N SER B 81 8.35 -26.41 14.07
CA SER B 81 8.81 -27.64 13.45
C SER B 81 7.67 -28.29 12.67
N GLN B 82 8.04 -29.03 11.63
CA GLN B 82 7.06 -29.71 10.79
C GLN B 82 6.76 -31.10 11.33
N ARG B 83 5.55 -31.56 11.07
CA ARG B 83 5.10 -32.90 11.44
C ARG B 83 6.09 -33.95 10.94
N GLY B 84 6.62 -34.76 11.87
CA GLY B 84 7.51 -35.84 11.54
C GLY B 84 8.99 -35.56 11.72
N GLU B 85 9.36 -34.48 12.41
CA GLU B 85 10.78 -34.18 12.57
C GLU B 85 11.41 -34.98 13.70
N ARG B 86 10.61 -35.41 14.68
CA ARG B 86 11.11 -36.36 15.67
C ARG B 86 11.51 -37.67 15.03
N LEU B 87 10.90 -38.01 13.88
CA LEU B 87 11.34 -39.16 13.11
C LEU B 87 12.81 -39.05 12.73
N VAL B 88 13.25 -37.84 12.35
CA VAL B 88 14.67 -37.63 12.06
C VAL B 88 15.49 -37.80 13.32
N ASP B 89 14.97 -37.38 14.47
CA ASP B 89 15.62 -37.71 15.74
C ASP B 89 15.69 -39.22 15.93
N ALA B 90 14.69 -39.95 15.42
CA ALA B 90 14.62 -41.39 15.66
C ALA B 90 15.67 -42.15 14.85
N VAL B 91 15.86 -41.79 13.58
CA VAL B 91 16.84 -42.52 12.78
C VAL B 91 18.25 -42.25 13.27
N ALA B 92 18.47 -41.11 13.93
CA ALA B 92 19.79 -40.83 14.49
C ALA B 92 20.06 -41.75 15.68
N MET B 93 19.06 -41.97 16.53
CA MET B 93 19.24 -42.91 17.64
C MET B 93 19.35 -44.34 17.15
N MET B 94 18.74 -44.66 16.02
CA MET B 94 18.93 -45.99 15.43
C MET B 94 20.34 -46.14 14.87
N ASP B 95 20.88 -45.07 14.29
CA ASP B 95 22.26 -45.12 13.82
C ASP B 95 23.23 -45.27 14.98
N LYS B 96 22.97 -44.56 16.09
CA LYS B 96 23.87 -44.61 17.24
C LYS B 96 23.88 -46.00 17.86
N LEU B 97 22.70 -46.52 18.21
CA LEU B 97 22.63 -47.84 18.84
C LEU B 97 23.08 -48.96 17.92
N ARG B 98 23.07 -48.75 16.60
CA ARG B 98 23.52 -49.80 15.70
C ARG B 98 25.02 -50.06 15.86
N THR B 99 25.78 -49.01 16.13
CA THR B 99 27.25 -49.19 16.27
C THR B 99 27.57 -49.62 17.71
N ALA B 100 27.16 -48.81 18.68
CA ALA B 100 27.43 -49.05 20.12
C ALA B 100 26.80 -50.34 20.64
N GLY B 101 25.69 -50.79 20.07
CA GLY B 101 25.02 -51.99 20.58
C GLY B 101 25.71 -53.30 20.25
N PRO B 102 26.13 -54.02 21.28
CA PRO B 102 26.72 -55.34 21.03
C PRO B 102 25.80 -56.21 20.18
N TRP B 103 24.59 -56.48 20.68
CA TRP B 103 23.65 -57.28 19.89
C TRP B 103 23.27 -56.57 18.59
N GLU B 104 22.88 -55.29 18.71
CA GLU B 104 22.38 -54.56 17.55
C GLU B 104 23.43 -54.40 16.46
N SER B 105 24.71 -54.62 16.77
CA SER B 105 25.75 -54.50 15.76
C SER B 105 25.86 -55.74 14.88
N GLU B 106 25.60 -56.92 15.43
CA GLU B 106 25.76 -58.17 14.71
C GLU B 106 24.47 -58.66 14.07
N GLN B 107 23.35 -57.96 14.26
CA GLN B 107 22.08 -58.37 13.69
C GLN B 107 22.04 -58.06 12.20
N THR B 108 21.39 -58.94 11.44
CA THR B 108 21.20 -58.78 10.00
C THR B 108 19.73 -58.94 9.65
N HIS B 109 19.45 -58.93 8.35
CA HIS B 109 18.06 -58.94 7.89
C HIS B 109 17.36 -60.23 8.28
N ASP B 110 18.06 -61.35 8.27
CA ASP B 110 17.45 -62.62 8.67
C ASP B 110 17.32 -62.73 10.18
N SER B 111 18.33 -62.27 10.92
CA SER B 111 18.24 -62.25 12.38
C SER B 111 17.16 -61.31 12.88
N LEU B 112 16.65 -60.42 12.02
CA LEU B 112 15.52 -59.57 12.35
C LEU B 112 14.21 -60.06 11.78
N ARG B 113 14.25 -60.93 10.76
CA ARG B 113 13.02 -61.43 10.15
C ARG B 113 12.13 -62.15 11.16
N ARG B 114 12.73 -62.79 12.16
CA ARG B 114 11.94 -63.48 13.18
C ARG B 114 11.07 -62.50 13.95
N TYR B 115 11.65 -61.37 14.38
CA TYR B 115 10.92 -60.45 15.25
C TYR B 115 9.77 -59.75 14.53
N LEU B 116 9.88 -59.59 13.20
CA LEU B 116 8.93 -58.74 12.49
C LEU B 116 7.51 -59.30 12.56
N LEU B 117 7.36 -60.60 12.24
CA LEU B 117 6.03 -61.20 12.25
C LEU B 117 5.42 -61.19 13.65
N GLU B 118 6.25 -61.26 14.69
CA GLU B 118 5.73 -61.13 16.05
C GLU B 118 5.14 -59.75 16.27
N GLU B 119 5.88 -58.69 15.91
CA GLU B 119 5.44 -57.34 16.22
C GLU B 119 4.21 -56.93 15.42
N THR B 120 4.03 -57.51 14.23
CA THR B 120 2.80 -57.27 13.48
C THR B 120 1.59 -57.79 14.24
N TYR B 121 1.68 -59.03 14.75
CA TYR B 121 0.57 -59.60 15.50
C TYR B 121 0.26 -58.80 16.75
N GLU B 122 1.30 -58.30 17.42
CA GLU B 122 1.07 -57.46 18.60
C GLU B 122 0.38 -56.16 18.22
N LEU B 123 0.62 -55.67 17.00
CA LEU B 123 -0.10 -54.49 16.52
C LEU B 123 -1.56 -54.82 16.19
N LEU B 124 -1.81 -56.03 15.67
CA LEU B 124 -3.18 -56.45 15.43
C LEU B 124 -3.94 -56.60 16.75
N ASP B 125 -3.27 -57.11 17.78
CA ASP B 125 -3.91 -57.22 19.09
C ASP B 125 -4.24 -55.84 19.66
N ALA B 126 -3.36 -54.86 19.43
CA ALA B 126 -3.63 -53.51 19.92
C ALA B 126 -4.84 -52.91 19.24
N VAL B 127 -4.99 -53.14 17.93
CA VAL B 127 -6.14 -52.58 17.21
C VAL B 127 -7.43 -53.18 17.73
N ARG B 128 -7.45 -54.50 17.96
CA ARG B 128 -8.68 -55.15 18.42
C ARG B 128 -8.98 -54.86 19.88
N SER B 129 -7.97 -54.47 20.67
CA SER B 129 -8.20 -54.13 22.07
C SER B 129 -8.74 -52.72 22.25
N GLY B 130 -8.76 -51.90 21.20
CA GLY B 130 -9.39 -50.60 21.24
C GLY B 130 -8.70 -49.55 22.09
N SER B 131 -7.61 -49.89 22.77
CA SER B 131 -6.96 -48.96 23.69
C SER B 131 -5.90 -48.16 22.95
N VAL B 132 -6.06 -46.83 22.95
CA VAL B 132 -5.18 -45.96 22.17
C VAL B 132 -3.73 -46.01 22.68
N ASP B 133 -3.53 -46.31 23.96
CA ASP B 133 -2.22 -46.12 24.57
C ASP B 133 -1.23 -47.23 24.26
N GLN B 134 -1.68 -48.36 23.70
CA GLN B 134 -0.78 -49.41 23.24
C GLN B 134 -0.80 -49.63 21.73
N LEU B 135 -1.84 -49.17 21.04
CA LEU B 135 -1.73 -49.04 19.58
C LEU B 135 -0.56 -48.15 19.22
N ARG B 136 -0.35 -47.10 20.01
CA ARG B 136 0.77 -46.18 19.77
C ARG B 136 2.11 -46.87 20.06
N GLU B 137 2.19 -47.66 21.13
CA GLU B 137 3.45 -48.31 21.49
C GLU B 137 3.85 -49.34 20.45
N GLU B 138 2.90 -50.20 20.05
CA GLU B 138 3.20 -51.18 19.03
C GLU B 138 3.45 -50.54 17.67
N LEU B 139 2.80 -49.42 17.38
CA LEU B 139 3.13 -48.67 16.18
C LEU B 139 4.59 -48.26 16.19
N GLY B 140 5.11 -47.86 17.35
CA GLY B 140 6.52 -47.56 17.47
C GLY B 140 7.38 -48.79 17.23
N ASP B 141 6.93 -49.95 17.71
CA ASP B 141 7.68 -51.18 17.52
C ASP B 141 7.83 -51.52 16.04
N LEU B 142 6.78 -51.27 15.26
CA LEU B 142 6.87 -51.52 13.82
C LEU B 142 7.79 -50.52 13.14
N LEU B 143 7.73 -49.26 13.58
CA LEU B 143 8.64 -48.25 13.04
C LEU B 143 10.09 -48.58 13.38
N LEU B 144 10.33 -49.16 14.57
CA LEU B 144 11.69 -49.56 14.93
C LEU B 144 12.24 -50.56 13.94
N GLN B 145 11.41 -51.51 13.52
CA GLN B 145 11.82 -52.48 12.51
C GLN B 145 12.15 -51.78 11.19
N VAL B 146 11.34 -50.82 10.77
CA VAL B 146 11.65 -50.19 9.50
C VAL B 146 12.98 -49.44 9.58
N LEU B 147 13.29 -48.83 10.73
CA LEU B 147 14.54 -48.07 10.83
C LEU B 147 15.76 -48.97 11.03
N PHE B 148 15.56 -50.14 11.65
CA PHE B 148 16.65 -51.10 11.82
C PHE B 148 17.07 -51.70 10.49
N HIS B 149 16.12 -52.27 9.74
CA HIS B 149 16.44 -52.83 8.44
C HIS B 149 17.04 -51.79 7.51
N ALA B 150 16.62 -50.53 7.64
CA ALA B 150 17.16 -49.47 6.79
C ALA B 150 18.60 -49.14 7.17
N ARG B 151 18.89 -49.02 8.47
CA ARG B 151 20.25 -48.75 8.90
C ARG B 151 21.18 -49.91 8.55
N ILE B 152 20.64 -51.14 8.49
CA ILE B 152 21.45 -52.29 8.12
C ILE B 152 21.81 -52.25 6.64
N ALA B 153 20.84 -51.89 5.79
CA ALA B 153 21.07 -51.82 4.36
C ALA B 153 22.11 -50.77 3.99
N GLU B 154 22.44 -49.85 4.89
CA GLU B 154 23.57 -48.95 4.66
C GLU B 154 24.88 -49.74 4.59
N ASP B 155 25.03 -50.67 5.53
CA ASP B 155 26.26 -51.52 5.61
C ASP B 155 26.27 -52.50 4.44
N ALA B 156 25.25 -52.44 3.57
CA ALA B 156 25.16 -53.33 2.39
C ALA B 156 26.42 -53.19 1.54
N SER B 157 27.00 -54.31 1.09
CA SER B 157 28.22 -54.29 0.25
C SER B 157 27.83 -54.19 -1.23
N GLN B 158 26.57 -54.48 -1.55
CA GLN B 158 26.08 -54.42 -2.95
C GLN B 158 24.74 -53.68 -2.98
N SER B 159 24.64 -52.61 -3.79
CA SER B 159 23.40 -51.82 -3.92
C SER B 159 22.89 -51.42 -2.52
N PRO B 160 23.70 -50.74 -1.69
CA PRO B 160 23.28 -50.32 -0.35
C PRO B 160 22.34 -49.11 -0.43
N PHE B 161 21.34 -49.04 0.47
CA PHE B 161 20.38 -47.92 0.49
C PHE B 161 20.20 -47.41 1.93
N THR B 162 19.51 -46.27 2.07
CA THR B 162 19.26 -45.65 3.37
C THR B 162 17.74 -45.52 3.60
N ILE B 163 17.40 -44.98 4.78
CA ILE B 163 16.01 -44.68 5.09
C ILE B 163 15.48 -43.57 4.19
N ASP B 164 16.37 -42.77 3.60
CA ASP B 164 15.91 -41.73 2.71
C ASP B 164 15.48 -42.30 1.37
N ASP B 165 16.11 -43.40 0.95
CA ASP B 165 15.72 -44.03 -0.31
C ASP B 165 14.41 -44.81 -0.17
N VAL B 166 14.17 -45.48 0.95
CA VAL B 166 12.88 -46.14 1.09
C VAL B 166 11.75 -45.11 1.15
N ALA B 167 12.00 -43.96 1.79
CA ALA B 167 10.99 -42.91 1.78
C ALA B 167 10.76 -42.40 0.36
N ASP B 168 11.82 -42.31 -0.45
CA ASP B 168 11.65 -41.98 -1.86
C ASP B 168 10.89 -43.08 -2.58
N THR B 169 11.20 -44.34 -2.27
CA THR B 169 10.47 -45.47 -2.87
C THR B 169 8.98 -45.37 -2.56
N LEU B 170 8.64 -45.12 -1.30
CA LEU B 170 7.23 -45.02 -0.93
C LEU B 170 6.55 -43.88 -1.66
N MET B 171 7.18 -42.70 -1.68
CA MET B 171 6.55 -41.53 -2.29
C MET B 171 6.40 -41.71 -3.79
N ARG B 172 7.41 -42.29 -4.45
CA ARG B 172 7.32 -42.51 -5.89
C ARG B 172 6.20 -43.48 -6.24
N LYS B 173 5.85 -44.38 -5.31
CA LYS B 173 4.81 -45.36 -5.59
C LYS B 173 3.41 -44.80 -5.37
N LEU B 174 3.25 -43.87 -4.43
CA LEU B 174 1.97 -43.20 -4.24
C LEU B 174 1.67 -42.20 -5.34
N GLY B 175 2.64 -41.88 -6.19
CA GLY B 175 2.48 -40.84 -7.20
C GLY B 175 1.97 -41.33 -8.53
N ASN B 176 2.11 -42.63 -8.81
CA ASN B 176 1.52 -43.21 -10.00
C ASN B 176 0.11 -43.72 -9.74
N ARG B 177 -0.11 -44.32 -8.56
CA ARG B 177 -1.43 -44.64 -8.03
C ARG B 177 -2.44 -45.18 -9.04
N MET C 1 -4.18 -30.00 -25.76
CA MET C 1 -5.47 -29.56 -26.24
C MET C 1 -6.10 -28.53 -25.29
N ILE C 2 -5.75 -28.62 -24.01
CA ILE C 2 -6.32 -27.74 -23.00
C ILE C 2 -5.20 -27.18 -22.13
N VAL C 3 -5.22 -25.87 -21.93
CA VAL C 3 -4.38 -25.21 -20.93
C VAL C 3 -5.30 -24.68 -19.85
N VAL C 4 -5.08 -25.11 -18.61
CA VAL C 4 -5.82 -24.62 -17.45
C VAL C 4 -4.87 -23.73 -16.66
N LEU C 5 -5.23 -22.46 -16.53
CA LEU C 5 -4.37 -21.47 -15.90
C LEU C 5 -4.91 -21.08 -14.54
N VAL C 6 -4.03 -21.12 -13.53
CA VAL C 6 -4.40 -20.93 -12.14
C VAL C 6 -3.90 -19.56 -11.67
N ASP C 7 -4.61 -18.99 -10.69
CA ASP C 7 -4.19 -17.75 -10.05
C ASP C 7 -2.89 -17.97 -9.28
N PRO C 8 -1.81 -17.24 -9.60
CA PRO C 8 -0.55 -17.43 -8.84
C PRO C 8 -0.65 -17.05 -7.38
N ARG C 9 -1.46 -16.04 -7.04
CA ARG C 9 -1.66 -15.67 -5.64
C ARG C 9 -2.27 -16.81 -4.84
N ARG C 10 -3.16 -17.59 -5.45
CA ARG C 10 -3.80 -18.73 -4.80
C ARG C 10 -3.59 -19.97 -5.67
N PRO C 11 -2.36 -20.52 -5.68
CA PRO C 11 -2.02 -21.55 -6.67
C PRO C 11 -2.56 -22.95 -6.39
N THR C 12 -3.11 -23.21 -5.21
CA THR C 12 -3.70 -24.52 -4.94
C THR C 12 -5.16 -24.60 -5.36
N LEU C 13 -5.70 -23.52 -5.91
CA LEU C 13 -7.10 -23.48 -6.32
C LEU C 13 -7.24 -23.71 -7.82
N VAL C 14 -8.21 -24.53 -8.21
CA VAL C 14 -8.48 -24.87 -9.59
C VAL C 14 -9.78 -24.24 -10.07
N PRO C 15 -9.88 -23.81 -11.32
CA PRO C 15 -11.19 -23.42 -11.83
C PRO C 15 -12.10 -24.64 -11.83
N VAL C 16 -13.32 -24.47 -11.32
CA VAL C 16 -14.27 -25.57 -11.28
C VAL C 16 -14.56 -26.10 -12.68
N GLU C 17 -14.53 -25.23 -13.69
CA GLU C 17 -14.77 -25.66 -15.06
C GLU C 17 -13.71 -26.62 -15.58
N ALA C 18 -12.60 -26.77 -14.86
CA ALA C 18 -11.51 -27.65 -15.26
C ALA C 18 -11.51 -28.98 -14.51
N ILE C 19 -12.45 -29.18 -13.59
CA ILE C 19 -12.46 -30.38 -12.75
C ILE C 19 -12.52 -31.64 -13.63
N GLU C 20 -13.37 -31.62 -14.65
CA GLU C 20 -13.57 -32.80 -15.48
C GLU C 20 -12.28 -33.25 -16.14
N PHE C 21 -11.44 -32.30 -16.54
CA PHE C 21 -10.25 -32.61 -17.33
C PHE C 21 -9.04 -32.98 -16.49
N LEU C 22 -9.05 -32.74 -15.19
CA LEU C 22 -7.90 -33.07 -14.36
C LEU C 22 -7.98 -34.45 -13.74
N ARG C 23 -8.88 -35.30 -14.23
CA ARG C 23 -8.93 -36.68 -13.77
C ARG C 23 -7.99 -37.59 -14.55
N GLY C 24 -7.52 -37.15 -15.72
CA GLY C 24 -6.67 -37.98 -16.54
C GLY C 24 -5.22 -37.55 -16.57
N GLU C 25 -4.53 -37.86 -17.66
CA GLU C 25 -3.13 -37.50 -17.80
C GLU C 25 -3.00 -35.99 -17.95
N VAL C 26 -2.30 -35.35 -17.02
CA VAL C 26 -2.15 -33.90 -16.99
C VAL C 26 -0.70 -33.58 -16.65
N GLN C 27 -0.22 -32.47 -17.21
CA GLN C 27 1.11 -31.97 -16.93
C GLN C 27 0.99 -30.65 -16.19
N TYR C 28 1.93 -30.41 -15.27
CA TYR C 28 1.97 -29.18 -14.50
C TYR C 28 3.37 -28.58 -14.59
N THR C 29 3.43 -27.25 -14.61
CA THR C 29 4.72 -26.60 -14.76
C THR C 29 5.43 -26.52 -13.41
N GLU C 30 6.72 -26.17 -13.47
CA GLU C 30 7.63 -26.37 -12.35
C GLU C 30 7.24 -25.54 -11.13
N GLU C 31 6.67 -24.35 -11.35
CA GLU C 31 6.40 -23.43 -10.26
C GLU C 31 5.18 -23.81 -9.41
N MET C 32 4.40 -24.80 -9.82
CA MET C 32 3.24 -25.21 -9.03
C MET C 32 3.68 -25.81 -7.69
N PRO C 33 2.94 -25.54 -6.61
CA PRO C 33 3.29 -26.15 -5.33
C PRO C 33 3.04 -27.65 -5.33
N VAL C 34 3.86 -28.37 -4.56
CA VAL C 34 3.82 -29.82 -4.50
C VAL C 34 2.42 -30.34 -4.15
N ALA C 35 1.60 -29.53 -3.47
CA ALA C 35 0.27 -29.98 -3.09
C ALA C 35 -0.58 -30.40 -4.29
N VAL C 36 -0.31 -29.85 -5.47
CA VAL C 36 -1.13 -30.13 -6.64
C VAL C 36 -0.91 -31.55 -7.14
N PRO C 37 0.32 -32.00 -7.43
CA PRO C 37 0.49 -33.40 -7.85
C PRO C 37 0.11 -34.41 -6.78
N TRP C 38 0.16 -34.04 -5.50
CA TRP C 38 -0.25 -34.96 -4.45
C TRP C 38 -1.76 -35.19 -4.44
N SER C 39 -2.51 -34.26 -5.02
CA SER C 39 -3.98 -34.46 -5.02
C SER C 39 -4.41 -35.05 -6.35
N LEU C 40 -3.74 -34.66 -7.43
CA LEU C 40 -4.14 -35.20 -8.74
C LEU C 40 -3.69 -36.65 -8.86
N PRO C 41 -4.52 -37.54 -9.41
CA PRO C 41 -4.08 -38.92 -9.60
C PRO C 41 -3.00 -39.13 -10.67
N ALA C 42 -3.17 -38.55 -11.85
CA ALA C 42 -2.23 -38.79 -12.98
C ALA C 42 -1.49 -37.50 -13.30
N ALA C 43 -0.87 -36.93 -12.29
CA ALA C 43 -0.15 -35.67 -12.42
C ALA C 43 1.30 -35.94 -12.83
N ARG C 44 1.76 -35.21 -13.85
CA ARG C 44 3.08 -35.42 -14.43
C ARG C 44 3.80 -34.08 -14.57
N SER C 45 5.13 -34.12 -14.45
CA SER C 45 5.95 -32.94 -14.65
C SER C 45 5.88 -32.50 -16.11
N ALA C 46 5.73 -31.19 -16.32
CA ALA C 46 5.55 -30.68 -17.68
C ALA C 46 6.77 -30.94 -18.55
N HIS C 47 7.94 -31.06 -17.94
CA HIS C 47 9.17 -31.14 -18.73
C HIS C 47 9.41 -32.54 -19.27
N ALA C 48 9.26 -33.56 -18.43
CA ALA C 48 9.57 -34.94 -18.78
C ALA C 48 8.32 -35.66 -19.24
N GLY C 49 8.38 -36.22 -20.44
CA GLY C 49 7.27 -36.97 -21.01
C GLY C 49 6.76 -36.35 -22.30
N ASN C 50 5.85 -37.08 -22.93
CA ASN C 50 5.17 -36.59 -24.11
C ASN C 50 4.03 -35.65 -23.72
N ASP C 51 3.36 -35.07 -24.71
CA ASP C 51 2.36 -34.05 -24.44
C ASP C 51 1.07 -34.69 -23.93
N ALA C 52 0.64 -34.24 -22.74
CA ALA C 52 -0.64 -34.70 -22.19
C ALA C 52 -1.73 -33.77 -22.71
N PRO C 53 -3.00 -34.18 -22.70
CA PRO C 53 -4.06 -33.33 -23.20
C PRO C 53 -4.21 -32.00 -22.44
N VAL C 54 -4.02 -31.99 -21.14
CA VAL C 54 -4.19 -30.73 -20.38
C VAL C 54 -2.88 -30.26 -19.77
N LEU C 55 -2.64 -28.95 -19.83
CA LEU C 55 -1.43 -28.38 -19.20
C LEU C 55 -1.87 -27.43 -18.09
N LEU C 56 -1.38 -27.67 -16.88
CA LEU C 56 -1.78 -26.88 -15.71
C LEU C 56 -0.67 -25.91 -15.34
N SER C 57 -0.96 -24.63 -15.32
CA SER C 57 0.10 -23.67 -15.01
C SER C 57 -0.47 -22.48 -14.26
N SER C 58 0.43 -21.75 -13.60
CA SER C 58 0.09 -20.50 -12.94
C SER C 58 0.79 -19.31 -13.58
N ASP C 59 1.56 -19.54 -14.63
CA ASP C 59 2.30 -18.50 -15.33
C ASP C 59 1.75 -18.39 -16.75
N PRO C 60 0.97 -17.36 -17.08
CA PRO C 60 0.42 -17.27 -18.44
C PRO C 60 1.48 -17.04 -19.50
N ASN C 61 2.66 -16.56 -19.14
CA ASN C 61 3.75 -16.33 -20.08
C ASN C 61 4.77 -17.46 -20.05
N HIS C 62 4.47 -18.56 -19.37
CA HIS C 62 5.34 -19.72 -19.40
C HIS C 62 5.44 -20.26 -20.82
N PRO C 63 6.63 -20.67 -21.28
CA PRO C 63 6.79 -21.07 -22.69
C PRO C 63 5.87 -22.20 -23.12
N ALA C 64 5.65 -23.18 -22.26
CA ALA C 64 4.79 -24.29 -22.62
C ALA C 64 3.34 -23.83 -22.84
N VAL C 65 2.87 -22.86 -22.06
CA VAL C 65 1.51 -22.37 -22.23
C VAL C 65 1.35 -21.64 -23.57
N ILE C 66 2.29 -20.76 -23.90
CA ILE C 66 2.21 -19.98 -25.15
C ILE C 66 2.34 -20.89 -26.35
N THR C 67 3.25 -21.87 -26.29
CA THR C 67 3.42 -22.78 -27.43
C THR C 67 2.13 -23.55 -27.68
N ARG C 68 1.54 -24.12 -26.62
CA ARG C 68 0.34 -24.93 -26.80
C ARG C 68 -0.87 -24.09 -27.19
N LEU C 69 -0.93 -22.85 -26.70
CA LEU C 69 -2.02 -21.95 -27.08
C LEU C 69 -1.93 -21.56 -28.55
N ALA C 70 -0.72 -21.24 -29.03
CA ALA C 70 -0.53 -20.93 -30.44
C ALA C 70 -0.90 -22.11 -31.33
N ALA C 71 -0.87 -23.32 -30.80
CA ALA C 71 -1.26 -24.52 -31.54
C ALA C 71 -2.76 -24.78 -31.50
N GLY C 72 -3.54 -23.86 -30.92
CA GLY C 72 -4.98 -23.96 -30.92
C GLY C 72 -5.62 -24.56 -29.68
N ALA C 73 -4.86 -24.79 -28.61
CA ALA C 73 -5.44 -25.34 -27.40
C ALA C 73 -6.47 -24.37 -26.81
N ARG C 74 -7.51 -24.92 -26.22
CA ARG C 74 -8.57 -24.12 -25.59
C ARG C 74 -8.15 -23.78 -24.17
N LEU C 75 -8.44 -22.55 -23.77
CA LEU C 75 -7.94 -21.99 -22.52
C LEU C 75 -9.04 -21.94 -21.46
N ILE C 76 -8.75 -22.50 -20.29
CA ILE C 76 -9.61 -22.44 -19.12
C ILE C 76 -8.82 -21.74 -18.03
N SER C 77 -9.16 -20.49 -17.75
CA SER C 77 -8.34 -19.65 -16.89
C SER C 77 -9.10 -19.22 -15.65
N ALA C 78 -8.36 -19.09 -14.54
CA ALA C 78 -8.88 -18.44 -13.37
C ALA C 78 -9.21 -16.98 -13.69
N PRO C 79 -10.15 -16.37 -12.96
CA PRO C 79 -10.45 -14.96 -13.21
C PRO C 79 -9.22 -14.10 -13.00
N ASP C 80 -9.13 -13.03 -13.77
CA ASP C 80 -8.00 -12.12 -13.67
C ASP C 80 -8.00 -11.43 -12.31
N SER C 81 -6.84 -10.90 -11.93
CA SER C 81 -6.70 -10.28 -10.61
C SER C 81 -7.49 -8.98 -10.56
N GLN C 82 -8.05 -8.70 -9.39
CA GLN C 82 -8.89 -7.52 -9.20
C GLN C 82 -8.04 -6.28 -9.00
N ARG C 83 -8.66 -5.13 -9.25
CA ARG C 83 -8.01 -3.85 -8.98
C ARG C 83 -7.83 -3.67 -7.49
N GLY C 84 -6.59 -3.43 -7.05
CA GLY C 84 -6.29 -3.26 -5.64
C GLY C 84 -5.58 -4.42 -5.00
N GLU C 85 -5.39 -5.54 -5.72
CA GLU C 85 -4.69 -6.68 -5.15
C GLU C 85 -3.26 -6.35 -4.77
N ARG C 86 -2.60 -5.47 -5.53
CA ARG C 86 -1.23 -5.10 -5.21
C ARG C 86 -1.14 -4.48 -3.82
N LEU C 87 -2.22 -3.87 -3.35
CA LEU C 87 -2.27 -3.36 -1.97
C LEU C 87 -1.98 -4.46 -0.96
N VAL C 88 -2.40 -5.70 -1.24
CA VAL C 88 -2.14 -6.79 -0.30
C VAL C 88 -0.66 -7.08 -0.21
N ASP C 89 0.06 -6.95 -1.32
CA ASP C 89 1.52 -7.03 -1.27
C ASP C 89 2.09 -5.90 -0.41
N ALA C 90 1.53 -4.69 -0.54
CA ALA C 90 2.00 -3.56 0.25
C ALA C 90 1.77 -3.79 1.74
N VAL C 91 0.66 -4.42 2.10
CA VAL C 91 0.40 -4.73 3.50
C VAL C 91 1.43 -5.69 4.04
N ALA C 92 1.75 -6.73 3.27
CA ALA C 92 2.74 -7.71 3.71
C ALA C 92 4.13 -7.09 3.83
N MET C 93 4.50 -6.21 2.91
CA MET C 93 5.81 -5.59 2.98
C MET C 93 5.89 -4.61 4.14
N MET C 94 4.79 -3.93 4.47
CA MET C 94 4.75 -3.13 5.69
C MET C 94 4.83 -3.99 6.94
N ASP C 95 4.23 -5.19 6.91
CA ASP C 95 4.27 -6.06 8.07
C ASP C 95 5.69 -6.54 8.35
N LYS C 96 6.47 -6.83 7.31
CA LYS C 96 7.85 -7.23 7.51
C LYS C 96 8.72 -6.06 7.95
N LEU C 97 8.48 -4.87 7.37
CA LEU C 97 9.24 -3.69 7.74
C LEU C 97 9.07 -3.38 9.23
N ARG C 98 7.87 -3.59 9.77
CA ARG C 98 7.62 -3.27 11.17
C ARG C 98 8.28 -4.29 12.10
N THR C 99 8.38 -5.55 11.70
CA THR C 99 8.97 -6.56 12.56
C THR C 99 10.49 -6.64 12.44
N ALA C 100 11.04 -6.36 11.26
CA ALA C 100 12.47 -6.51 11.05
C ALA C 100 13.23 -5.19 11.04
N GLY C 101 12.56 -4.05 10.81
CA GLY C 101 13.21 -2.77 10.84
C GLY C 101 13.30 -2.22 12.25
N PRO C 102 14.52 -2.01 12.74
CA PRO C 102 14.67 -1.50 14.11
C PRO C 102 13.95 -0.18 14.35
N TRP C 103 14.13 0.79 13.46
CA TRP C 103 13.47 2.08 13.63
C TRP C 103 11.95 1.95 13.52
N GLU C 104 11.48 1.22 12.50
CA GLU C 104 10.04 1.07 12.31
C GLU C 104 9.40 0.33 13.49
N SER C 105 10.13 -0.60 14.10
CA SER C 105 9.57 -1.37 15.21
C SER C 105 9.42 -0.54 16.48
N GLU C 106 10.15 0.57 16.61
CA GLU C 106 10.06 1.41 17.80
C GLU C 106 9.04 2.52 17.67
N GLN C 107 8.54 2.78 16.46
CA GLN C 107 7.64 3.90 16.24
C GLN C 107 6.31 3.67 16.94
N THR C 108 5.65 4.77 17.29
CA THR C 108 4.30 4.76 17.85
C THR C 108 3.42 5.67 17.02
N HIS C 109 2.13 5.69 17.35
CA HIS C 109 1.21 6.61 16.70
C HIS C 109 1.69 8.05 16.88
N ASP C 110 2.09 8.40 18.09
CA ASP C 110 2.53 9.77 18.37
C ASP C 110 3.86 10.08 17.70
N SER C 111 4.73 9.07 17.58
CA SER C 111 6.06 9.37 17.05
C SER C 111 6.03 9.67 15.56
N LEU C 112 4.99 9.25 14.84
CA LEU C 112 4.88 9.47 13.40
C LEU C 112 4.02 10.65 12.99
N ARG C 113 3.44 11.39 13.95
CA ARG C 113 2.61 12.53 13.57
C ARG C 113 3.41 13.55 12.75
N ARG C 114 4.68 13.73 13.09
CA ARG C 114 5.51 14.69 12.36
C ARG C 114 5.62 14.33 10.89
N TYR C 115 5.50 13.04 10.55
CA TYR C 115 5.61 12.64 9.15
C TYR C 115 4.27 12.67 8.43
N LEU C 116 3.17 12.70 9.18
CA LEU C 116 1.88 12.95 8.54
C LEU C 116 1.83 14.37 8.02
N LEU C 117 2.28 15.33 8.82
CA LEU C 117 2.29 16.72 8.39
C LEU C 117 3.29 16.92 7.24
N GLU C 118 4.40 16.17 7.23
CA GLU C 118 5.30 16.23 6.07
C GLU C 118 4.61 15.80 4.80
N GLU C 119 3.94 14.66 4.83
CA GLU C 119 3.43 14.12 3.59
C GLU C 119 2.17 14.84 3.12
N THR C 120 1.30 15.25 4.05
CA THR C 120 0.13 16.01 3.64
C THR C 120 0.52 17.35 3.03
N TYR C 121 1.56 17.99 3.56
CA TYR C 121 2.07 19.23 2.96
C TYR C 121 2.68 18.95 1.60
N GLU C 122 3.45 17.86 1.49
CA GLU C 122 4.01 17.47 0.19
C GLU C 122 2.93 17.01 -0.78
N LEU C 123 1.88 16.35 -0.29
CA LEU C 123 0.81 15.94 -1.19
C LEU C 123 0.10 17.13 -1.80
N LEU C 124 -0.19 18.16 -1.00
CA LEU C 124 -0.84 19.37 -1.52
C LEU C 124 0.01 20.03 -2.60
N ASP C 125 1.30 20.19 -2.33
CA ASP C 125 2.19 20.75 -3.35
C ASP C 125 2.24 19.85 -4.58
N ALA C 126 2.07 18.55 -4.38
CA ALA C 126 2.08 17.62 -5.51
C ALA C 126 0.80 17.71 -6.35
N VAL C 127 -0.32 18.09 -5.73
CA VAL C 127 -1.58 18.13 -6.46
C VAL C 127 -1.57 19.25 -7.50
N ARG C 128 -1.20 20.46 -7.10
CA ARG C 128 -1.15 21.62 -8.00
C ARG C 128 0.26 21.91 -8.49
N SER C 129 1.02 20.87 -8.84
CA SER C 129 2.34 21.04 -9.44
C SER C 129 2.45 20.47 -10.84
N GLY C 130 1.44 19.75 -11.32
CA GLY C 130 1.43 19.27 -12.69
C GLY C 130 2.47 18.22 -13.02
N SER C 131 2.67 17.25 -12.11
CA SER C 131 3.54 16.11 -12.38
C SER C 131 2.82 14.86 -11.88
N VAL C 132 2.44 13.98 -12.80
CA VAL C 132 1.75 12.76 -12.43
C VAL C 132 2.66 11.84 -11.63
N ASP C 133 3.98 11.87 -11.90
CA ASP C 133 4.89 11.00 -11.19
C ASP C 133 5.00 11.37 -9.71
N GLN C 134 4.87 12.65 -9.39
CA GLN C 134 4.94 13.10 -8.01
C GLN C 134 3.60 12.97 -7.28
N LEU C 135 2.49 13.10 -8.00
CA LEU C 135 1.21 12.78 -7.38
C LEU C 135 1.12 11.31 -7.04
N ARG C 136 1.58 10.44 -7.96
CA ARG C 136 1.68 9.02 -7.66
C ARG C 136 2.56 8.78 -6.44
N GLU C 137 3.74 9.37 -6.43
CA GLU C 137 4.71 9.13 -5.36
C GLU C 137 4.18 9.60 -4.01
N GLU C 138 3.66 10.83 -3.95
CA GLU C 138 3.14 11.34 -2.69
C GLU C 138 1.83 10.68 -2.28
N LEU C 139 1.09 10.08 -3.22
CA LEU C 139 -0.07 9.28 -2.83
C LEU C 139 0.35 8.00 -2.12
N GLY C 140 1.38 7.33 -2.64
CA GLY C 140 1.92 6.17 -1.95
C GLY C 140 2.54 6.51 -0.62
N ASP C 141 3.15 7.69 -0.52
CA ASP C 141 3.70 8.14 0.75
C ASP C 141 2.60 8.32 1.78
N LEU C 142 1.45 8.85 1.35
CA LEU C 142 0.31 8.95 2.27
C LEU C 142 -0.27 7.59 2.58
N LEU C 143 -0.41 6.72 1.56
CA LEU C 143 -0.84 5.35 1.79
C LEU C 143 0.09 4.64 2.77
N LEU C 144 1.39 4.88 2.65
CA LEU C 144 2.35 4.29 3.58
C LEU C 144 2.00 4.63 5.02
N GLN C 145 1.61 5.89 5.27
CA GLN C 145 1.29 6.33 6.62
C GLN C 145 0.13 5.54 7.23
N VAL C 146 -0.95 5.34 6.47
CA VAL C 146 -2.11 4.63 7.01
C VAL C 146 -1.76 3.15 7.27
N LEU C 147 -1.05 2.52 6.34
CA LEU C 147 -0.63 1.13 6.56
C LEU C 147 0.31 1.04 7.74
N PHE C 148 1.22 2.01 7.89
CA PHE C 148 2.09 2.05 9.06
C PHE C 148 1.27 2.16 10.34
N HIS C 149 0.33 3.10 10.37
CA HIS C 149 -0.52 3.26 11.56
C HIS C 149 -1.39 2.02 11.80
N ALA C 150 -1.93 1.43 10.73
CA ALA C 150 -2.77 0.25 10.89
C ALA C 150 -1.96 -0.94 11.39
N ARG C 151 -0.71 -1.07 10.92
CA ARG C 151 0.15 -2.15 11.39
C ARG C 151 0.52 -1.95 12.86
N ILE C 152 0.87 -0.72 13.24
CA ILE C 152 1.16 -0.42 14.64
C ILE C 152 -0.04 -0.77 15.51
N ALA C 153 -1.25 -0.53 15.00
CA ALA C 153 -2.46 -0.87 15.76
C ALA C 153 -2.57 -2.37 16.01
N GLU C 154 -1.94 -3.19 15.16
CA GLU C 154 -1.95 -4.63 15.41
C GLU C 154 -1.19 -4.98 16.68
N ASP C 155 -0.14 -4.23 17.00
CA ASP C 155 0.69 -4.48 18.17
C ASP C 155 0.07 -3.98 19.47
N ALA C 156 -1.06 -3.27 19.41
CA ALA C 156 -1.64 -2.66 20.60
C ALA C 156 -1.99 -3.71 21.65
N SER C 157 -1.68 -3.39 22.90
CA SER C 157 -1.95 -4.30 24.00
C SER C 157 -3.40 -4.25 24.44
N GLN C 158 -4.08 -3.13 24.21
CA GLN C 158 -5.50 -3.00 24.52
C GLN C 158 -6.23 -2.54 23.27
N SER C 159 -7.21 -3.35 22.83
CA SER C 159 -8.07 -3.09 21.69
C SER C 159 -7.29 -2.96 20.38
N PRO C 160 -6.63 -4.02 19.91
CA PRO C 160 -5.89 -3.91 18.65
C PRO C 160 -6.82 -4.05 17.46
N PHE C 161 -6.42 -3.46 16.34
CA PHE C 161 -7.10 -3.66 15.07
C PHE C 161 -6.04 -3.74 13.97
N THR C 162 -6.50 -4.01 12.75
CA THR C 162 -5.62 -4.21 11.60
C THR C 162 -6.11 -3.35 10.44
N ILE C 163 -5.38 -3.43 9.32
CA ILE C 163 -5.78 -2.69 8.12
C ILE C 163 -7.14 -3.19 7.62
N ASP C 164 -7.41 -4.49 7.78
CA ASP C 164 -8.71 -5.03 7.39
C ASP C 164 -9.83 -4.43 8.23
N ASP C 165 -9.57 -4.20 9.52
CA ASP C 165 -10.56 -3.54 10.36
C ASP C 165 -10.80 -2.12 9.89
N VAL C 166 -9.73 -1.41 9.54
CA VAL C 166 -9.87 -0.04 9.03
C VAL C 166 -10.67 -0.03 7.74
N ALA C 167 -10.46 -1.03 6.88
CA ALA C 167 -11.24 -1.15 5.66
C ALA C 167 -12.72 -1.43 5.95
N ASP C 168 -13.00 -2.29 6.93
CA ASP C 168 -14.37 -2.64 7.24
C ASP C 168 -15.16 -1.45 7.79
N THR C 169 -14.54 -0.66 8.66
CA THR C 169 -15.24 0.49 9.23
C THR C 169 -15.47 1.58 8.18
N LEU C 170 -14.50 1.76 7.28
CA LEU C 170 -14.73 2.67 6.16
C LEU C 170 -15.93 2.21 5.34
N MET C 171 -16.04 0.90 5.12
CA MET C 171 -17.13 0.38 4.30
C MET C 171 -18.46 0.50 5.03
N ARG C 172 -18.46 0.33 6.36
CA ARG C 172 -19.64 0.61 7.15
C ARG C 172 -20.08 2.08 7.05
N LYS C 173 -19.26 2.92 6.42
CA LYS C 173 -19.62 4.29 6.07
C LYS C 173 -20.02 4.31 4.59
N LEU C 174 -21.27 3.91 4.33
CA LEU C 174 -21.73 3.74 2.96
C LEU C 174 -23.20 4.12 2.84
N GLY C 175 -23.47 5.22 2.16
CA GLY C 175 -24.82 5.54 1.77
C GLY C 175 -25.12 4.69 0.55
N ASN C 176 -26.25 3.97 0.53
CA ASN C 176 -26.59 3.06 -0.58
C ASN C 176 -27.90 3.52 -1.25
N MET D 1 -21.16 -34.95 5.59
CA MET D 1 -19.92 -35.67 5.80
C MET D 1 -18.70 -34.82 5.41
N ILE D 2 -18.84 -34.02 4.35
CA ILE D 2 -17.77 -33.15 3.90
C ILE D 2 -18.35 -31.80 3.54
N VAL D 3 -17.72 -30.72 4.00
CA VAL D 3 -18.03 -29.36 3.60
C VAL D 3 -16.80 -28.79 2.93
N VAL D 4 -16.97 -28.30 1.70
CA VAL D 4 -15.90 -27.68 0.94
C VAL D 4 -16.16 -26.18 0.95
N LEU D 5 -15.24 -25.43 1.58
CA LEU D 5 -15.37 -23.99 1.68
C LEU D 5 -14.29 -23.35 0.79
N VAL D 6 -14.73 -22.49 -0.12
CA VAL D 6 -13.88 -21.89 -1.13
C VAL D 6 -13.68 -20.43 -0.79
N ASP D 7 -12.66 -19.83 -1.37
CA ASP D 7 -12.41 -18.40 -1.18
C ASP D 7 -13.63 -17.61 -1.66
N PRO D 8 -14.29 -16.85 -0.78
CA PRO D 8 -15.50 -16.12 -1.19
C PRO D 8 -15.25 -15.04 -2.24
N ARG D 9 -14.02 -14.55 -2.37
CA ARG D 9 -13.70 -13.58 -3.41
C ARG D 9 -13.33 -14.27 -4.74
N ARG D 10 -13.12 -15.58 -4.72
CA ARG D 10 -12.86 -16.35 -5.94
C ARG D 10 -13.70 -17.62 -5.91
N PRO D 11 -15.02 -17.49 -6.04
CA PRO D 11 -15.91 -18.64 -5.79
C PRO D 11 -15.98 -19.67 -6.92
N THR D 12 -15.41 -19.39 -8.10
CA THR D 12 -15.38 -20.40 -9.15
C THR D 12 -14.18 -21.32 -9.02
N LEU D 13 -13.29 -21.05 -8.06
CA LEU D 13 -12.11 -21.86 -7.83
C LEU D 13 -12.31 -22.77 -6.63
N VAL D 14 -11.96 -24.04 -6.79
CA VAL D 14 -12.06 -25.03 -5.70
C VAL D 14 -10.66 -25.50 -5.33
N PRO D 15 -10.40 -25.81 -4.05
CA PRO D 15 -9.12 -26.42 -3.67
C PRO D 15 -8.89 -27.77 -4.35
N VAL D 16 -7.64 -28.01 -4.75
CA VAL D 16 -7.25 -29.28 -5.40
C VAL D 16 -7.60 -30.47 -4.53
N GLU D 17 -7.51 -30.32 -3.22
CA GLU D 17 -7.77 -31.43 -2.30
C GLU D 17 -9.22 -31.89 -2.30
N ALA D 18 -10.11 -31.12 -2.91
CA ALA D 18 -11.54 -31.44 -2.97
C ALA D 18 -11.96 -31.96 -4.33
N ILE D 19 -11.02 -32.10 -5.29
CA ILE D 19 -11.38 -32.46 -6.66
C ILE D 19 -12.17 -33.75 -6.70
N GLU D 20 -11.63 -34.81 -6.10
CA GLU D 20 -12.24 -36.13 -6.23
C GLU D 20 -13.56 -36.21 -5.46
N PHE D 21 -13.69 -35.46 -4.37
CA PHE D 21 -14.93 -35.46 -3.60
C PHE D 21 -16.05 -34.72 -4.32
N LEU D 22 -15.75 -33.97 -5.37
CA LEU D 22 -16.75 -33.23 -6.14
C LEU D 22 -17.27 -34.00 -7.35
N ARG D 23 -16.84 -35.25 -7.54
CA ARG D 23 -17.29 -36.06 -8.66
C ARG D 23 -18.47 -36.95 -8.30
N GLY D 24 -18.88 -36.98 -7.04
CA GLY D 24 -20.09 -37.65 -6.62
C GLY D 24 -21.26 -36.68 -6.53
N GLU D 25 -22.27 -37.08 -5.76
CA GLU D 25 -23.40 -36.20 -5.52
C GLU D 25 -22.98 -35.02 -4.64
N VAL D 26 -23.25 -33.81 -5.11
CA VAL D 26 -22.77 -32.60 -4.45
C VAL D 26 -23.92 -31.62 -4.33
N GLN D 27 -23.95 -30.89 -3.21
CA GLN D 27 -24.90 -29.81 -3.02
C GLN D 27 -24.12 -28.50 -2.89
N TYR D 28 -24.64 -27.43 -3.50
CA TYR D 28 -24.01 -26.13 -3.50
C TYR D 28 -25.01 -25.06 -3.08
N THR D 29 -24.50 -24.03 -2.39
CA THR D 29 -25.34 -22.96 -1.86
C THR D 29 -25.63 -21.89 -2.93
N GLU D 30 -26.60 -21.03 -2.61
CA GLU D 30 -27.22 -20.17 -3.63
C GLU D 30 -26.25 -19.14 -4.20
N GLU D 31 -25.31 -18.65 -3.40
CA GLU D 31 -24.45 -17.57 -3.85
C GLU D 31 -23.36 -18.05 -4.81
N MET D 32 -23.22 -19.36 -5.00
CA MET D 32 -22.23 -19.87 -5.92
C MET D 32 -22.60 -19.50 -7.36
N PRO D 33 -21.61 -19.16 -8.19
CA PRO D 33 -21.88 -18.84 -9.59
C PRO D 33 -22.29 -20.06 -10.40
N VAL D 34 -23.03 -19.80 -11.49
CA VAL D 34 -23.60 -20.81 -12.36
C VAL D 34 -22.58 -21.82 -12.84
N ALA D 35 -21.30 -21.42 -12.88
CA ALA D 35 -20.26 -22.33 -13.36
C ALA D 35 -20.21 -23.62 -12.54
N VAL D 36 -20.65 -23.58 -11.29
CA VAL D 36 -20.55 -24.75 -10.41
C VAL D 36 -21.55 -25.83 -10.83
N PRO D 37 -22.86 -25.55 -10.94
CA PRO D 37 -23.78 -26.63 -11.37
C PRO D 37 -23.55 -27.08 -12.81
N TRP D 38 -23.06 -26.22 -13.70
CA TRP D 38 -22.81 -26.66 -15.06
C TRP D 38 -21.57 -27.55 -15.17
N SER D 39 -20.61 -27.38 -14.27
CA SER D 39 -19.36 -28.14 -14.33
C SER D 39 -19.33 -29.36 -13.42
N LEU D 40 -20.25 -29.47 -12.46
CA LEU D 40 -20.10 -30.70 -11.70
C LEU D 40 -21.05 -31.78 -12.22
N PRO D 41 -20.63 -33.04 -12.16
CA PRO D 41 -21.43 -34.10 -12.79
C PRO D 41 -22.76 -34.37 -12.10
N ALA D 42 -22.86 -34.13 -10.79
CA ALA D 42 -24.03 -34.55 -10.01
C ALA D 42 -24.36 -33.50 -8.94
N ALA D 43 -24.47 -32.26 -9.37
CA ALA D 43 -24.66 -31.14 -8.43
C ALA D 43 -26.12 -30.74 -8.32
N ARG D 44 -26.60 -30.59 -7.11
CA ARG D 44 -28.00 -30.19 -6.85
C ARG D 44 -28.03 -29.07 -5.82
N SER D 45 -29.16 -28.40 -5.71
CA SER D 45 -29.40 -27.35 -4.69
C SER D 45 -30.15 -28.00 -3.53
N ALA D 46 -30.87 -27.23 -2.72
CA ALA D 46 -31.62 -27.92 -1.64
C ALA D 46 -32.75 -28.71 -2.27
N HIS D 47 -33.00 -29.90 -1.77
CA HIS D 47 -34.08 -30.73 -2.30
C HIS D 47 -34.55 -31.68 -1.21
N ALA D 48 -35.79 -32.14 -1.34
CA ALA D 48 -36.28 -33.21 -0.50
C ALA D 48 -35.56 -34.51 -0.85
N GLY D 49 -35.41 -35.37 0.14
CA GLY D 49 -34.67 -36.60 -0.03
C GLY D 49 -33.26 -36.48 0.53
N ASN D 50 -32.49 -37.55 0.30
CA ASN D 50 -31.22 -37.75 0.97
C ASN D 50 -30.24 -36.62 0.66
N ASP D 51 -29.63 -36.08 1.72
CA ASP D 51 -28.61 -35.05 1.57
C ASP D 51 -27.41 -35.59 0.81
N ALA D 52 -26.71 -34.70 0.12
CA ALA D 52 -25.49 -35.14 -0.54
C ALA D 52 -24.36 -35.20 0.48
N PRO D 53 -23.43 -36.15 0.31
CA PRO D 53 -22.32 -36.26 1.26
C PRO D 53 -21.37 -35.08 1.24
N VAL D 54 -21.38 -34.25 0.20
CA VAL D 54 -20.45 -33.14 0.06
C VAL D 54 -21.25 -31.86 -0.14
N LEU D 55 -20.97 -30.85 0.67
CA LEU D 55 -21.58 -29.53 0.52
C LEU D 55 -20.52 -28.55 0.02
N LEU D 56 -20.86 -27.83 -1.05
CA LEU D 56 -19.95 -26.89 -1.69
C LEU D 56 -20.46 -25.48 -1.44
N SER D 57 -19.61 -24.63 -0.84
CA SER D 57 -20.07 -23.31 -0.47
C SER D 57 -18.91 -22.33 -0.41
N SER D 58 -19.25 -21.04 -0.50
CA SER D 58 -18.34 -19.94 -0.30
C SER D 58 -18.75 -19.05 0.87
N ASP D 59 -19.83 -19.40 1.56
CA ASP D 59 -20.37 -18.58 2.64
C ASP D 59 -20.22 -19.34 3.96
N PRO D 60 -19.30 -18.95 4.84
CA PRO D 60 -19.14 -19.69 6.10
C PRO D 60 -20.33 -19.58 7.03
N ASN D 61 -21.19 -18.59 6.84
CA ASN D 61 -22.38 -18.41 7.66
C ASN D 61 -23.64 -18.93 7.00
N HIS D 62 -23.52 -19.61 5.87
CA HIS D 62 -24.69 -20.22 5.25
C HIS D 62 -25.25 -21.28 6.19
N PRO D 63 -26.58 -21.37 6.33
CA PRO D 63 -27.15 -22.32 7.31
C PRO D 63 -26.73 -23.76 7.08
N ALA D 64 -26.63 -24.19 5.83
CA ALA D 64 -26.22 -25.57 5.56
C ALA D 64 -24.78 -25.80 6.01
N VAL D 65 -23.92 -24.81 5.86
CA VAL D 65 -22.55 -24.93 6.35
C VAL D 65 -22.55 -25.04 7.88
N ILE D 66 -23.38 -24.23 8.54
CA ILE D 66 -23.44 -24.25 10.00
C ILE D 66 -23.95 -25.60 10.50
N THR D 67 -25.03 -26.09 9.91
CA THR D 67 -25.64 -27.34 10.34
C THR D 67 -24.70 -28.54 10.13
N ARG D 68 -24.12 -28.65 8.93
CA ARG D 68 -23.33 -29.83 8.62
C ARG D 68 -22.03 -29.87 9.42
N LEU D 69 -21.43 -28.72 9.70
CA LEU D 69 -20.26 -28.70 10.57
C LEU D 69 -20.64 -29.10 11.99
N ALA D 70 -21.77 -28.57 12.48
CA ALA D 70 -22.27 -28.97 13.79
C ALA D 70 -22.62 -30.45 13.85
N ALA D 71 -22.91 -31.08 12.72
CA ALA D 71 -23.18 -32.51 12.66
C ALA D 71 -21.93 -33.34 12.51
N GLY D 72 -20.75 -32.72 12.52
CA GLY D 72 -19.49 -33.44 12.46
C GLY D 72 -18.86 -33.58 11.10
N ALA D 73 -19.38 -32.92 10.07
CA ALA D 73 -18.77 -33.03 8.75
C ALA D 73 -17.35 -32.48 8.77
N ARG D 74 -16.50 -33.09 7.94
CA ARG D 74 -15.12 -32.65 7.83
C ARG D 74 -15.01 -31.53 6.81
N LEU D 75 -14.18 -30.54 7.11
CA LEU D 75 -14.11 -29.31 6.33
C LEU D 75 -12.86 -29.31 5.46
N ILE D 76 -13.04 -28.99 4.17
CA ILE D 76 -11.95 -28.80 3.22
C ILE D 76 -12.04 -27.35 2.78
N SER D 77 -11.09 -26.53 3.22
CA SER D 77 -11.19 -25.09 3.04
C SER D 77 -10.07 -24.57 2.15
N ALA D 78 -10.41 -23.54 1.37
CA ALA D 78 -9.39 -22.76 0.68
C ALA D 78 -8.49 -22.08 1.71
N PRO D 79 -7.25 -21.75 1.32
CA PRO D 79 -6.37 -21.04 2.25
C PRO D 79 -7.01 -19.74 2.69
N ASP D 80 -6.70 -19.32 3.92
CA ASP D 80 -7.30 -18.11 4.46
C ASP D 80 -6.87 -16.89 3.66
N SER D 81 -7.68 -15.83 3.78
CA SER D 81 -7.37 -14.58 3.10
C SER D 81 -6.24 -13.87 3.83
N GLN D 82 -5.39 -13.21 3.05
CA GLN D 82 -4.29 -12.47 3.64
C GLN D 82 -4.77 -11.11 4.13
N ARG D 83 -3.95 -10.46 4.95
CA ARG D 83 -4.26 -9.10 5.40
C ARG D 83 -4.35 -8.17 4.20
N GLY D 84 -5.38 -7.34 4.17
CA GLY D 84 -5.56 -6.41 3.08
C GLY D 84 -6.56 -6.83 2.02
N GLU D 85 -7.10 -8.04 2.11
CA GLU D 85 -8.10 -8.45 1.12
C GLU D 85 -9.33 -7.55 1.20
N ARG D 86 -9.76 -7.18 2.40
CA ARG D 86 -10.88 -6.25 2.50
C ARG D 86 -10.57 -4.89 1.90
N LEU D 87 -9.30 -4.62 1.53
CA LEU D 87 -8.98 -3.36 0.87
C LEU D 87 -9.42 -3.37 -0.58
N VAL D 88 -9.27 -4.48 -1.29
CA VAL D 88 -9.72 -4.52 -2.67
C VAL D 88 -11.24 -4.46 -2.74
N ASP D 89 -11.92 -5.02 -1.73
CA ASP D 89 -13.36 -4.78 -1.62
C ASP D 89 -13.65 -3.29 -1.49
N ALA D 90 -12.84 -2.58 -0.68
CA ALA D 90 -13.05 -1.15 -0.47
C ALA D 90 -12.82 -0.34 -1.75
N VAL D 91 -11.80 -0.69 -2.54
CA VAL D 91 -11.57 0.04 -3.79
C VAL D 91 -12.75 -0.16 -4.75
N ALA D 92 -13.30 -1.38 -4.80
CA ALA D 92 -14.44 -1.64 -5.67
C ALA D 92 -15.63 -0.78 -5.28
N MET D 93 -15.86 -0.63 -3.97
CA MET D 93 -16.94 0.23 -3.49
C MET D 93 -16.61 1.70 -3.72
N MET D 94 -15.32 2.05 -3.69
CA MET D 94 -14.93 3.38 -4.15
C MET D 94 -15.19 3.52 -5.63
N ASP D 95 -15.05 2.43 -6.39
CA ASP D 95 -15.38 2.47 -7.81
C ASP D 95 -16.86 2.67 -8.02
N LYS D 96 -17.70 2.03 -7.20
CA LYS D 96 -19.14 2.21 -7.31
C LYS D 96 -19.54 3.63 -6.92
N LEU D 97 -18.99 4.14 -5.80
CA LEU D 97 -19.35 5.47 -5.36
C LEU D 97 -18.87 6.54 -6.33
N ARG D 98 -17.79 6.26 -7.09
CA ARG D 98 -17.27 7.26 -8.01
C ARG D 98 -18.17 7.44 -9.22
N THR D 99 -18.66 6.33 -9.79
CA THR D 99 -19.46 6.43 -11.01
C THR D 99 -20.89 6.90 -10.71
N ALA D 100 -21.46 6.45 -9.60
CA ALA D 100 -22.83 6.76 -9.22
C ALA D 100 -22.83 7.76 -8.06
N GLY D 101 -23.02 9.04 -8.37
CA GLY D 101 -23.08 10.06 -7.35
C GLY D 101 -22.68 11.43 -7.89
N PRO D 102 -23.58 12.41 -7.73
CA PRO D 102 -23.30 13.73 -8.34
C PRO D 102 -22.07 14.41 -7.76
N TRP D 103 -22.01 14.57 -6.43
CA TRP D 103 -20.81 15.12 -5.82
C TRP D 103 -19.60 14.28 -6.16
N GLU D 104 -19.69 12.96 -5.94
CA GLU D 104 -18.56 12.07 -6.19
C GLU D 104 -18.06 12.17 -7.62
N SER D 105 -18.97 12.13 -8.59
CA SER D 105 -18.57 12.16 -9.99
C SER D 105 -17.89 13.48 -10.36
N GLU D 106 -18.10 14.54 -9.58
CA GLU D 106 -17.68 15.88 -9.98
C GLU D 106 -16.41 16.36 -9.30
N GLN D 107 -16.00 15.79 -8.18
CA GLN D 107 -14.79 16.26 -7.53
C GLN D 107 -13.56 15.88 -8.35
N THR D 108 -12.45 16.53 -8.04
CA THR D 108 -11.14 16.28 -8.64
C THR D 108 -10.09 16.39 -7.54
N HIS D 109 -8.82 16.22 -7.93
CA HIS D 109 -7.73 16.35 -6.97
C HIS D 109 -7.80 17.66 -6.20
N ASP D 110 -7.86 18.77 -6.93
CA ASP D 110 -7.94 20.07 -6.27
C ASP D 110 -9.21 20.21 -5.45
N SER D 111 -10.30 19.54 -5.85
CA SER D 111 -11.52 19.64 -5.05
C SER D 111 -11.29 19.10 -3.64
N LEU D 112 -10.48 18.05 -3.51
CA LEU D 112 -10.37 17.32 -2.25
C LEU D 112 -9.31 17.88 -1.31
N ARG D 113 -8.52 18.86 -1.76
CA ARG D 113 -7.49 19.44 -0.90
C ARG D 113 -8.07 19.93 0.43
N ARG D 114 -9.32 20.39 0.41
CA ARG D 114 -9.97 20.82 1.65
C ARG D 114 -10.17 19.64 2.60
N TYR D 115 -10.56 18.49 2.07
CA TYR D 115 -10.80 17.32 2.91
C TYR D 115 -9.53 16.54 3.21
N LEU D 116 -8.44 16.78 2.47
CA LEU D 116 -7.15 16.24 2.90
C LEU D 116 -6.70 16.90 4.20
N LEU D 117 -6.81 18.22 4.28
CA LEU D 117 -6.42 18.92 5.51
C LEU D 117 -7.36 18.57 6.66
N GLU D 118 -8.65 18.45 6.36
CA GLU D 118 -9.62 18.13 7.40
C GLU D 118 -9.35 16.75 8.00
N GLU D 119 -9.17 15.75 7.14
CA GLU D 119 -8.97 14.39 7.64
C GLU D 119 -7.58 14.23 8.24
N THR D 120 -6.58 14.90 7.68
CA THR D 120 -5.25 14.85 8.28
C THR D 120 -5.26 15.48 9.68
N TYR D 121 -5.99 16.58 9.84
CA TYR D 121 -6.11 17.18 11.16
C TYR D 121 -6.94 16.31 12.10
N GLU D 122 -8.04 15.74 11.60
CA GLU D 122 -8.86 14.88 12.44
C GLU D 122 -8.11 13.63 12.85
N LEU D 123 -7.27 13.10 11.95
CA LEU D 123 -6.45 11.96 12.30
C LEU D 123 -5.44 12.32 13.38
N LEU D 124 -4.80 13.49 13.25
CA LEU D 124 -3.88 13.95 14.28
C LEU D 124 -4.59 14.11 15.62
N ASP D 125 -5.82 14.62 15.57
CA ASP D 125 -6.64 14.83 16.80
C ASP D 125 -6.96 13.47 17.43
N ALA D 126 -6.90 12.40 16.63
CA ALA D 126 -7.19 11.03 17.12
C ALA D 126 -5.92 10.44 17.75
N VAL D 127 -4.77 11.07 17.50
CA VAL D 127 -3.46 10.59 18.05
C VAL D 127 -3.31 11.14 19.47
N ARG D 128 -3.72 12.40 19.69
CA ARG D 128 -3.62 13.05 21.01
C ARG D 128 -4.49 12.29 22.02
N SER D 129 -5.74 12.05 21.64
CA SER D 129 -6.69 11.28 22.46
C SER D 129 -6.43 9.81 22.12
N GLY D 130 -6.59 8.91 23.09
CA GLY D 130 -6.33 7.47 22.83
C GLY D 130 -7.58 6.74 22.36
N SER D 131 -8.62 7.45 21.93
CA SER D 131 -9.84 6.79 21.43
C SER D 131 -9.17 5.87 20.41
N VAL D 132 -9.45 4.57 20.47
CA VAL D 132 -8.84 3.61 19.51
C VAL D 132 -9.89 3.63 18.41
N ASP D 133 -11.17 3.60 18.76
CA ASP D 133 -12.26 3.60 17.76
C ASP D 133 -12.16 4.85 16.88
N GLN D 134 -11.89 6.00 17.48
CA GLN D 134 -11.76 7.24 16.68
C GLN D 134 -10.59 7.09 15.72
N LEU D 135 -9.44 6.68 16.25
CA LEU D 135 -8.23 6.50 15.41
C LEU D 135 -8.56 5.59 14.24
N ARG D 136 -9.25 4.49 14.55
CA ARG D 136 -9.57 3.53 13.51
C ARG D 136 -10.46 4.15 12.43
N GLU D 137 -11.36 5.05 12.81
CA GLU D 137 -12.26 5.64 11.82
C GLU D 137 -11.54 6.67 10.96
N GLU D 138 -10.79 7.58 11.58
CA GLU D 138 -10.09 8.59 10.81
C GLU D 138 -8.98 8.00 9.97
N LEU D 139 -8.51 6.78 10.30
CA LEU D 139 -7.60 6.09 9.39
C LEU D 139 -8.32 5.67 8.12
N GLY D 140 -9.56 5.18 8.26
CA GLY D 140 -10.36 4.89 7.08
C GLY D 140 -10.73 6.14 6.30
N ASP D 141 -10.92 7.26 6.99
CA ASP D 141 -11.21 8.51 6.29
C ASP D 141 -10.02 8.94 5.44
N LEU D 142 -8.80 8.81 5.97
CA LEU D 142 -7.62 9.15 5.18
C LEU D 142 -7.39 8.13 4.07
N LEU D 143 -7.59 6.85 4.37
CA LEU D 143 -7.50 5.82 3.32
C LEU D 143 -8.44 6.16 2.17
N LEU D 144 -9.66 6.61 2.48
CA LEU D 144 -10.60 6.97 1.42
C LEU D 144 -10.02 8.05 0.50
N GLN D 145 -9.33 9.05 1.07
CA GLN D 145 -8.73 10.08 0.25
C GLN D 145 -7.74 9.47 -0.74
N VAL D 146 -6.93 8.52 -0.29
CA VAL D 146 -5.97 7.87 -1.18
C VAL D 146 -6.71 7.08 -2.25
N LEU D 147 -7.74 6.33 -1.85
CA LEU D 147 -8.56 5.61 -2.83
C LEU D 147 -9.32 6.57 -3.74
N PHE D 148 -9.86 7.65 -3.17
CA PHE D 148 -10.56 8.64 -3.98
C PHE D 148 -9.64 9.26 -5.02
N HIS D 149 -8.46 9.72 -4.58
CA HIS D 149 -7.50 10.31 -5.50
C HIS D 149 -7.05 9.28 -6.54
N ALA D 150 -6.88 8.03 -6.13
CA ALA D 150 -6.43 7.00 -7.06
C ALA D 150 -7.45 6.76 -8.17
N ARG D 151 -8.73 6.58 -7.81
CA ARG D 151 -9.74 6.29 -8.81
C ARG D 151 -9.88 7.43 -9.81
N ILE D 152 -9.75 8.68 -9.34
CA ILE D 152 -9.81 9.83 -10.23
C ILE D 152 -8.66 9.80 -11.23
N ALA D 153 -7.48 9.38 -10.77
CA ALA D 153 -6.33 9.28 -11.66
C ALA D 153 -6.55 8.24 -12.77
N GLU D 154 -7.48 7.31 -12.57
CA GLU D 154 -7.81 6.34 -13.61
C GLU D 154 -8.71 6.92 -14.70
N ASP D 155 -9.33 8.07 -14.45
CA ASP D 155 -10.12 8.76 -15.47
C ASP D 155 -9.33 9.82 -16.22
N ALA D 156 -8.12 10.13 -15.76
CA ALA D 156 -7.31 11.14 -16.42
C ALA D 156 -7.03 10.73 -17.86
N SER D 157 -7.11 11.71 -18.77
CA SER D 157 -6.94 11.41 -20.18
C SER D 157 -5.48 11.28 -20.60
N GLN D 158 -4.55 11.77 -19.79
CA GLN D 158 -3.13 11.70 -20.10
C GLN D 158 -2.39 11.03 -18.95
N SER D 159 -1.53 10.06 -19.28
CA SER D 159 -0.77 9.22 -18.36
C SER D 159 -1.58 8.85 -17.12
N PRO D 160 -2.66 8.08 -17.27
CA PRO D 160 -3.45 7.71 -16.11
C PRO D 160 -2.80 6.56 -15.36
N PHE D 161 -3.11 6.48 -14.05
CA PHE D 161 -2.71 5.35 -13.23
C PHE D 161 -3.87 5.02 -12.29
N THR D 162 -3.72 3.93 -11.54
CA THR D 162 -4.75 3.45 -10.63
C THR D 162 -4.13 3.14 -9.27
N ILE D 163 -4.97 2.67 -8.34
CA ILE D 163 -4.50 2.34 -7.00
C ILE D 163 -3.44 1.25 -7.03
N ASP D 164 -3.53 0.34 -8.00
CA ASP D 164 -2.47 -0.66 -8.15
C ASP D 164 -1.14 0.01 -8.47
N ASP D 165 -1.19 1.08 -9.27
CA ASP D 165 0.04 1.78 -9.60
C ASP D 165 0.67 2.43 -8.37
N VAL D 166 -0.14 3.10 -7.54
CA VAL D 166 0.37 3.77 -6.34
C VAL D 166 0.94 2.74 -5.37
N ALA D 167 0.33 1.55 -5.32
CA ALA D 167 0.87 0.48 -4.48
C ALA D 167 2.24 0.05 -4.98
N ASP D 168 2.41 -0.02 -6.31
CA ASP D 168 3.69 -0.41 -6.88
C ASP D 168 4.77 0.64 -6.60
N THR D 169 4.43 1.92 -6.68
CA THR D 169 5.44 2.95 -6.43
C THR D 169 5.88 2.97 -4.97
N LEU D 170 4.95 2.77 -4.04
CA LEU D 170 5.32 2.71 -2.64
C LEU D 170 6.26 1.55 -2.37
N MET D 171 5.96 0.39 -2.93
CA MET D 171 6.82 -0.79 -2.67
C MET D 171 8.17 -0.56 -3.33
N ARG D 172 8.20 0.04 -4.50
CA ARG D 172 9.51 0.27 -5.13
C ARG D 172 10.32 1.22 -4.26
N LYS D 173 9.70 2.26 -3.74
CA LYS D 173 10.44 3.21 -2.91
C LYS D 173 10.96 2.50 -1.67
N LEU D 174 10.15 1.65 -1.06
CA LEU D 174 10.56 0.98 0.20
C LEU D 174 11.77 0.08 -0.02
N GLY D 175 11.87 -0.57 -1.18
CA GLY D 175 12.97 -1.52 -1.39
C GLY D 175 14.33 -0.86 -1.28
N ASN D 176 14.52 0.31 -1.87
CA ASN D 176 15.84 0.97 -1.75
C ASN D 176 16.07 1.42 -0.31
N MET E 1 2.16 81.79 0.32
CA MET E 1 3.31 80.90 0.03
C MET E 1 3.28 79.71 0.99
N ILE E 2 2.31 79.69 1.90
CA ILE E 2 2.19 78.58 2.90
C ILE E 2 1.17 77.55 2.39
N VAL E 3 1.49 76.26 2.50
CA VAL E 3 0.60 75.16 2.05
C VAL E 3 0.64 74.03 3.08
N VAL E 4 -0.26 74.07 4.06
CA VAL E 4 -0.31 73.03 5.13
C VAL E 4 -1.30 71.93 4.71
N LEU E 5 -0.96 70.67 4.98
CA LEU E 5 -1.83 69.51 4.62
C LEU E 5 -1.93 68.57 5.83
N VAL E 6 -3.15 68.26 6.26
CA VAL E 6 -3.38 67.35 7.42
C VAL E 6 -3.41 65.90 6.93
N ASP E 7 -3.37 64.95 7.87
CA ASP E 7 -3.40 63.50 7.51
C ASP E 7 -4.83 63.09 7.12
N PRO E 8 -5.03 62.25 6.09
CA PRO E 8 -6.37 61.83 5.66
C PRO E 8 -7.16 61.19 6.82
N ARG E 9 -6.50 60.35 7.62
CA ARG E 9 -7.14 59.66 8.76
C ARG E 9 -7.88 60.69 9.63
N ARG E 10 -7.14 61.62 10.24
CA ARG E 10 -7.73 62.66 11.10
C ARG E 10 -7.55 64.04 10.45
N PRO E 11 -8.43 64.45 9.51
CA PRO E 11 -8.30 65.75 8.85
C PRO E 11 -8.77 66.91 9.74
N THR E 12 -9.35 66.59 10.89
CA THR E 12 -9.83 67.61 11.81
C THR E 12 -8.73 68.26 12.65
N LEU E 13 -7.51 67.72 12.65
CA LEU E 13 -6.39 68.31 13.38
C LEU E 13 -5.36 68.91 12.43
N VAL E 14 -4.72 69.97 12.92
CA VAL E 14 -3.81 70.78 12.12
C VAL E 14 -2.47 70.80 12.86
N PRO E 15 -1.34 70.75 12.16
CA PRO E 15 -0.04 70.85 12.83
C PRO E 15 0.04 72.08 13.74
N VAL E 16 0.88 71.96 14.77
CA VAL E 16 1.04 73.02 15.76
C VAL E 16 1.94 74.15 15.28
N GLU E 17 2.74 73.93 14.24
CA GLU E 17 3.54 74.98 13.62
C GLU E 17 2.75 75.82 12.63
N ALA E 18 1.42 75.68 12.62
CA ALA E 18 0.57 76.43 11.70
C ALA E 18 -0.53 77.22 12.41
N ILE E 19 -0.53 77.29 13.74
CA ILE E 19 -1.52 78.11 14.44
C ILE E 19 -1.38 79.57 14.04
N GLU E 20 -0.15 80.04 13.88
CA GLU E 20 0.10 81.30 13.20
C GLU E 20 0.10 81.08 11.69
N PHE E 21 -0.17 82.16 10.95
CA PHE E 21 -0.45 82.13 9.51
C PHE E 21 -1.76 81.41 9.21
N LEU E 22 -2.58 81.15 10.22
CA LEU E 22 -3.96 80.71 10.01
C LEU E 22 -4.96 81.69 10.60
N ARG E 23 -4.51 82.86 11.04
CA ARG E 23 -5.37 83.89 11.58
C ARG E 23 -5.92 84.83 10.51
N GLY E 24 -5.46 84.72 9.27
CA GLY E 24 -5.91 85.55 8.18
C GLY E 24 -6.84 84.82 7.24
N GLU E 25 -7.01 85.40 6.05
CA GLU E 25 -7.75 84.72 4.99
C GLU E 25 -7.02 83.43 4.58
N VAL E 26 -7.73 82.30 4.62
CA VAL E 26 -7.15 81.00 4.30
C VAL E 26 -8.10 80.23 3.39
N GLN E 27 -7.57 79.56 2.36
CA GLN E 27 -8.36 78.77 1.42
C GLN E 27 -8.14 77.29 1.67
N TYR E 28 -9.22 76.53 1.74
CA TYR E 28 -9.14 75.09 1.94
C TYR E 28 -9.58 74.37 0.67
N THR E 29 -9.48 73.04 0.70
CA THR E 29 -9.89 72.21 -0.41
C THR E 29 -11.13 71.39 -0.06
N GLU E 30 -11.73 70.81 -1.09
CA GLU E 30 -13.03 70.15 -0.98
C GLU E 30 -12.97 68.79 -0.28
N GLU E 31 -11.81 68.35 0.17
CA GLU E 31 -11.73 67.06 0.84
C GLU E 31 -11.98 67.17 2.34
N MET E 32 -11.73 68.33 2.93
CA MET E 32 -11.68 68.46 4.37
C MET E 32 -13.08 68.55 4.97
N PRO E 33 -13.27 68.13 6.25
CA PRO E 33 -14.60 68.20 6.87
C PRO E 33 -15.12 69.63 6.97
N VAL E 34 -16.37 69.78 7.41
CA VAL E 34 -16.95 71.10 7.64
C VAL E 34 -16.60 71.65 9.02
N ALA E 35 -15.71 70.97 9.75
CA ALA E 35 -15.14 71.58 10.95
C ALA E 35 -14.32 72.82 10.59
N VAL E 36 -13.64 72.81 9.44
CA VAL E 36 -12.68 73.86 9.12
C VAL E 36 -13.34 75.14 8.63
N PRO E 37 -14.41 75.14 7.81
CA PRO E 37 -15.02 76.43 7.46
C PRO E 37 -15.86 77.03 8.56
N TRP E 38 -16.29 76.22 9.52
CA TRP E 38 -17.08 76.68 10.66
C TRP E 38 -16.23 77.15 11.82
N SER E 39 -15.06 76.55 12.02
CA SER E 39 -14.21 76.86 13.16
C SER E 39 -13.13 77.90 12.89
N LEU E 40 -13.03 78.38 11.65
CA LEU E 40 -12.02 79.37 11.30
C LEU E 40 -12.68 80.70 10.96
N PRO E 41 -11.90 81.77 11.04
CA PRO E 41 -12.40 83.12 10.84
C PRO E 41 -12.93 83.33 9.42
N ALA E 42 -12.04 83.33 8.44
CA ALA E 42 -12.42 83.56 7.04
C ALA E 42 -11.86 82.42 6.19
N ALA E 43 -12.75 81.69 5.53
CA ALA E 43 -12.38 80.61 4.63
C ALA E 43 -13.14 80.83 3.33
N ARG E 44 -12.53 81.60 2.42
CA ARG E 44 -13.14 81.91 1.11
C ARG E 44 -12.52 81.03 0.04
N SER E 45 -12.79 79.72 0.09
CA SER E 45 -12.24 78.74 -0.89
C SER E 45 -12.79 79.05 -2.30
N ALA E 46 -11.94 78.89 -3.33
CA ALA E 46 -12.31 79.13 -4.74
C ALA E 46 -12.85 80.55 -4.93
N HIS E 47 -12.22 81.55 -4.29
CA HIS E 47 -12.64 82.96 -4.40
C HIS E 47 -14.14 83.08 -4.13
N ASN E 50 -9.55 86.11 -5.77
CA ASN E 50 -8.17 85.68 -5.94
C ASN E 50 -7.85 84.48 -5.05
N ASP E 51 -6.57 84.16 -4.95
CA ASP E 51 -6.09 83.11 -4.06
C ASP E 51 -5.59 83.72 -2.76
N ALA E 52 -5.55 82.88 -1.72
CA ALA E 52 -5.19 83.28 -0.36
C ALA E 52 -3.76 82.88 -0.05
N PRO E 53 -3.14 83.51 0.97
CA PRO E 53 -1.74 83.19 1.28
C PRO E 53 -1.50 81.75 1.71
N VAL E 54 -2.39 81.15 2.49
CA VAL E 54 -2.17 79.80 2.98
C VAL E 54 -3.33 78.91 2.55
N LEU E 55 -2.99 77.65 2.25
CA LEU E 55 -3.94 76.67 1.74
C LEU E 55 -3.80 75.41 2.58
N LEU E 56 -4.87 75.00 3.25
CA LEU E 56 -4.88 73.77 4.03
C LEU E 56 -5.72 72.71 3.33
N SER E 57 -5.16 71.52 3.20
CA SER E 57 -5.76 70.46 2.38
C SER E 57 -5.42 69.11 3.00
N SER E 58 -5.92 68.05 2.36
CA SER E 58 -5.60 66.69 2.75
C SER E 58 -5.24 65.87 1.52
N ASP E 59 -5.83 66.23 0.39
CA ASP E 59 -5.50 65.60 -0.88
C ASP E 59 -4.07 65.98 -1.27
N PRO E 60 -3.16 65.00 -1.18
CA PRO E 60 -1.77 65.27 -1.54
C PRO E 60 -1.65 65.69 -3.00
N ASN E 61 -2.54 65.19 -3.86
CA ASN E 61 -2.51 65.49 -5.28
C ASN E 61 -3.60 66.48 -5.70
N HIS E 62 -4.06 67.30 -4.74
CA HIS E 62 -5.08 68.33 -5.03
C HIS E 62 -4.50 69.33 -6.03
N PRO E 63 -5.25 69.76 -7.06
CA PRO E 63 -4.74 70.71 -8.07
C PRO E 63 -4.06 71.94 -7.47
N ALA E 64 -4.76 72.65 -6.59
CA ALA E 64 -4.23 73.88 -5.97
C ALA E 64 -2.96 73.57 -5.15
N VAL E 65 -2.94 72.43 -4.47
CA VAL E 65 -1.77 72.04 -3.62
C VAL E 65 -0.57 71.68 -4.52
N ILE E 66 -0.85 71.18 -5.73
CA ILE E 66 0.24 70.78 -6.68
C ILE E 66 0.88 72.03 -7.27
N THR E 67 0.08 73.07 -7.53
CA THR E 67 0.59 74.33 -8.13
C THR E 67 1.25 75.24 -7.09
N ARG E 68 0.57 75.51 -5.97
CA ARG E 68 1.14 76.40 -4.94
C ARG E 68 2.51 75.88 -4.53
N LEU E 69 2.66 74.56 -4.46
CA LEU E 69 3.99 73.99 -4.14
C LEU E 69 4.96 74.24 -5.28
N ALA E 70 4.48 74.21 -6.53
CA ALA E 70 5.31 74.46 -7.73
C ALA E 70 5.90 75.88 -7.68
N ALA E 71 5.14 76.84 -7.15
CA ALA E 71 5.54 78.26 -6.98
C ALA E 71 6.58 78.45 -5.88
N GLY E 72 6.90 77.43 -5.07
CA GLY E 72 7.93 77.59 -4.03
C GLY E 72 7.31 77.84 -2.69
N ALA E 73 6.00 77.66 -2.59
CA ALA E 73 5.30 77.88 -1.31
C ALA E 73 5.83 76.91 -0.27
N ARG E 74 6.15 77.42 0.90
CA ARG E 74 6.55 76.64 2.06
C ARG E 74 5.43 75.71 2.48
N LEU E 75 5.80 74.47 2.83
CA LEU E 75 4.84 73.43 3.17
C LEU E 75 5.05 73.02 4.63
N ILE E 76 3.98 73.12 5.42
CA ILE E 76 3.96 72.63 6.80
C ILE E 76 3.07 71.39 6.83
N SER E 77 3.69 70.22 6.97
CA SER E 77 2.99 68.96 6.82
C SER E 77 2.69 68.32 8.16
N ALA E 78 1.56 67.60 8.21
CA ALA E 78 1.27 66.73 9.34
C ALA E 78 2.11 65.45 9.23
N PRO E 79 2.41 64.81 10.36
CA PRO E 79 3.27 63.62 10.32
C PRO E 79 2.69 62.52 9.45
N ASP E 80 3.51 62.02 8.53
CA ASP E 80 3.16 60.85 7.74
C ASP E 80 2.59 59.74 8.59
N SER E 81 1.71 58.94 7.99
CA SER E 81 1.23 57.74 8.66
C SER E 81 2.30 56.67 8.61
N GLN E 82 2.57 56.06 9.76
CA GLN E 82 3.58 55.02 9.84
C GLN E 82 3.13 53.78 9.09
N ARG E 83 4.09 52.91 8.81
CA ARG E 83 3.80 51.70 8.03
C ARG E 83 2.82 50.81 8.78
N GLY E 84 1.91 50.20 8.03
CA GLY E 84 0.91 49.35 8.64
C GLY E 84 -0.12 50.15 9.40
N GLU E 85 -0.94 50.90 8.67
CA GLU E 85 -2.06 51.63 9.26
C GLU E 85 -3.36 51.50 8.50
N ARG E 86 -3.34 51.19 7.20
CA ARG E 86 -4.57 51.00 6.46
C ARG E 86 -5.38 49.80 6.96
N LEU E 87 -4.78 48.93 7.77
CA LEU E 87 -5.50 47.78 8.27
C LEU E 87 -6.48 48.17 9.39
N VAL E 88 -6.25 49.28 10.07
CA VAL E 88 -7.24 49.74 11.05
C VAL E 88 -8.54 50.14 10.35
N ASP E 89 -8.45 50.61 9.11
CA ASP E 89 -9.65 50.82 8.33
C ASP E 89 -10.28 49.51 7.88
N ALA E 90 -9.53 48.40 7.96
CA ALA E 90 -10.07 47.06 7.74
C ALA E 90 -10.65 46.46 9.00
N VAL E 91 -10.06 46.77 10.16
CA VAL E 91 -10.69 46.41 11.43
C VAL E 91 -12.07 47.02 11.54
N ALA E 92 -12.23 48.25 11.05
CA ALA E 92 -13.53 48.90 11.06
C ALA E 92 -14.53 48.15 10.20
N MET E 93 -14.12 47.76 8.99
CA MET E 93 -14.98 46.92 8.15
C MET E 93 -15.38 45.64 8.85
N MET E 94 -14.44 45.04 9.59
CA MET E 94 -14.74 43.79 10.33
C MET E 94 -15.95 44.04 11.23
N ASP E 95 -15.95 45.18 11.92
CA ASP E 95 -17.05 45.56 12.83
C ASP E 95 -18.31 45.87 12.01
N LYS E 96 -18.13 46.46 10.83
CA LYS E 96 -19.28 46.89 9.98
C LYS E 96 -20.29 45.75 9.79
N LEU E 97 -19.82 44.54 9.46
CA LEU E 97 -20.76 43.42 9.25
C LEU E 97 -20.32 42.22 10.09
N ARG E 98 -20.19 42.41 11.40
CA ARG E 98 -19.74 41.33 12.30
C ARG E 98 -20.86 40.31 12.50
N GLN E 107 -20.19 34.72 11.34
CA GLN E 107 -20.82 33.52 11.89
C GLN E 107 -20.25 33.21 13.29
N THR E 108 -19.62 32.05 13.46
CA THR E 108 -19.09 31.68 14.76
C THR E 108 -17.74 30.97 14.60
N HIS E 109 -17.05 30.83 15.73
CA HIS E 109 -15.68 30.31 15.73
C HIS E 109 -15.58 28.95 15.07
N ASP E 110 -16.43 28.01 15.49
CA ASP E 110 -16.38 26.66 14.95
C ASP E 110 -16.78 26.64 13.48
N SER E 111 -17.81 27.41 13.12
CA SER E 111 -18.23 27.47 11.72
C SER E 111 -17.18 28.11 10.82
N LEU E 112 -16.27 28.89 11.39
CA LEU E 112 -15.18 29.48 10.61
C LEU E 112 -14.07 28.49 10.31
N ARG E 113 -14.05 27.35 11.00
CA ARG E 113 -13.00 26.35 10.81
C ARG E 113 -12.89 25.92 9.35
N ARG E 114 -14.00 25.97 8.61
CA ARG E 114 -13.99 25.64 7.20
C ARG E 114 -13.04 26.56 6.43
N TYR E 115 -13.29 27.86 6.50
CA TYR E 115 -12.57 28.82 5.66
C TYR E 115 -11.12 29.03 6.09
N LEU E 116 -10.81 28.79 7.37
CA LEU E 116 -9.41 28.84 7.78
C LEU E 116 -8.63 27.68 7.17
N LEU E 117 -9.24 26.49 7.11
CA LEU E 117 -8.62 25.38 6.40
C LEU E 117 -8.55 25.65 4.90
N GLU E 118 -9.51 26.40 4.36
CA GLU E 118 -9.60 26.59 2.92
C GLU E 118 -8.57 27.60 2.42
N GLU E 119 -8.50 28.77 3.05
CA GLU E 119 -7.47 29.73 2.68
C GLU E 119 -6.08 29.30 3.15
N THR E 120 -5.99 28.26 3.99
CA THR E 120 -4.69 27.78 4.44
C THR E 120 -3.91 27.17 3.27
N TYR E 121 -4.51 26.26 2.52
CA TYR E 121 -3.80 25.67 1.39
C TYR E 121 -3.73 26.63 0.21
N GLU E 122 -4.65 27.59 0.14
CA GLU E 122 -4.59 28.61 -0.90
C GLU E 122 -3.29 29.42 -0.78
N LEU E 123 -2.96 29.86 0.44
CA LEU E 123 -1.70 30.55 0.66
C LEU E 123 -0.51 29.64 0.36
N LEU E 124 -0.61 28.37 0.75
CA LEU E 124 0.50 27.44 0.53
C LEU E 124 0.77 27.25 -0.96
N ASP E 125 -0.29 26.97 -1.73
CA ASP E 125 -0.15 26.75 -3.16
C ASP E 125 -0.08 28.05 -3.96
N ALA E 126 -0.17 29.21 -3.32
CA ALA E 126 0.11 30.48 -3.97
C ALA E 126 1.56 30.90 -3.82
N VAL E 127 2.20 30.55 -2.70
CA VAL E 127 3.62 30.84 -2.54
C VAL E 127 4.45 30.03 -3.53
N ARG E 128 4.11 28.74 -3.69
CA ARG E 128 4.84 27.88 -4.62
C ARG E 128 4.49 28.15 -6.08
N SER E 129 3.35 28.78 -6.35
CA SER E 129 2.98 29.11 -7.72
C SER E 129 4.03 29.99 -8.36
N GLY E 130 4.36 31.12 -7.72
CA GLY E 130 5.35 32.03 -8.24
C GLY E 130 4.83 33.42 -8.61
N SER E 131 3.53 33.69 -8.45
CA SER E 131 2.96 34.98 -8.80
C SER E 131 2.89 35.86 -7.55
N VAL E 132 3.29 37.13 -7.69
CA VAL E 132 3.15 38.07 -6.60
C VAL E 132 1.70 38.49 -6.41
N ASP E 133 0.87 38.33 -7.44
CA ASP E 133 -0.53 38.71 -7.33
C ASP E 133 -1.28 37.78 -6.38
N GLN E 134 -1.00 36.48 -6.43
CA GLN E 134 -1.72 35.53 -5.58
C GLN E 134 -1.35 35.69 -4.12
N LEU E 135 -0.07 35.86 -3.82
CA LEU E 135 0.37 36.07 -2.44
C LEU E 135 -0.39 37.22 -1.80
N ARG E 136 -0.44 38.36 -2.49
CA ARG E 136 -1.11 39.54 -1.93
C ARG E 136 -2.56 39.24 -1.59
N GLU E 137 -3.26 38.53 -2.46
CA GLU E 137 -4.65 38.21 -2.20
C GLU E 137 -4.78 37.18 -1.08
N GLU E 138 -4.03 36.07 -1.18
CA GLU E 138 -4.18 35.00 -0.21
C GLU E 138 -3.67 35.41 1.17
N LEU E 139 -2.60 36.21 1.23
CA LEU E 139 -2.12 36.72 2.50
C LEU E 139 -3.06 37.77 3.10
N GLY E 140 -4.00 38.30 2.32
CA GLY E 140 -5.01 39.19 2.83
C GLY E 140 -6.26 38.45 3.23
N ASP E 141 -6.59 37.40 2.47
CA ASP E 141 -7.73 36.55 2.82
C ASP E 141 -7.47 35.74 4.08
N LEU E 142 -6.22 35.58 4.49
CA LEU E 142 -5.90 34.98 5.79
C LEU E 142 -5.97 36.01 6.91
N LEU E 143 -5.51 37.24 6.64
CA LEU E 143 -5.69 38.31 7.61
C LEU E 143 -7.18 38.56 7.88
N LEU E 144 -8.03 38.33 6.88
CA LEU E 144 -9.47 38.43 7.11
C LEU E 144 -9.92 37.46 8.19
N GLN E 145 -9.38 36.24 8.19
CA GLN E 145 -9.77 35.24 9.17
C GLN E 145 -9.43 35.69 10.59
N VAL E 146 -8.19 36.14 10.81
CA VAL E 146 -7.79 36.52 12.16
C VAL E 146 -8.53 37.78 12.60
N LEU E 147 -8.92 38.65 11.68
CA LEU E 147 -9.77 39.78 12.04
C LEU E 147 -11.18 39.32 12.38
N PHE E 148 -11.74 38.42 11.56
CA PHE E 148 -13.06 37.86 11.85
C PHE E 148 -13.10 37.20 13.22
N HIS E 149 -12.10 36.36 13.51
CA HIS E 149 -12.11 35.62 14.77
C HIS E 149 -11.99 36.55 15.97
N ALA E 150 -11.10 37.54 15.89
CA ALA E 150 -10.96 38.49 16.99
C ALA E 150 -12.18 39.40 17.14
N ARG E 151 -12.94 39.61 16.06
CA ARG E 151 -14.18 40.37 16.17
C ARG E 151 -15.25 39.57 16.89
N ILE E 152 -15.33 38.26 16.59
CA ILE E 152 -16.28 37.41 17.29
C ILE E 152 -15.92 37.30 18.77
N ALA E 153 -14.63 37.22 19.06
CA ALA E 153 -14.20 37.16 20.47
C ALA E 153 -14.51 38.52 21.11
N GLU E 154 -14.83 39.53 20.31
CA GLU E 154 -15.16 40.86 20.85
C GLU E 154 -16.56 40.79 21.44
N ASP E 155 -17.42 40.00 20.81
CA ASP E 155 -18.82 39.82 21.27
C ASP E 155 -18.92 38.53 22.10
N ALA E 156 -17.95 38.32 22.98
CA ALA E 156 -17.90 37.10 23.81
C ALA E 156 -18.85 37.28 24.99
N SER E 157 -19.25 36.17 25.62
CA SER E 157 -20.16 36.22 26.78
C SER E 157 -19.32 36.18 28.07
N GLN E 158 -18.01 35.96 27.94
CA GLN E 158 -17.09 35.90 29.10
C GLN E 158 -15.65 36.08 28.63
N SER E 159 -14.85 36.84 29.38
CA SER E 159 -13.43 37.08 29.04
C SER E 159 -13.33 37.54 27.58
N PRO E 160 -14.07 38.58 27.21
CA PRO E 160 -14.07 39.12 25.83
C PRO E 160 -12.75 39.84 25.55
N PHE E 161 -12.28 39.76 24.30
CA PHE E 161 -11.02 40.42 23.88
C PHE E 161 -11.12 40.82 22.40
N THR E 162 -10.10 41.50 21.89
CA THR E 162 -10.15 41.94 20.47
C THR E 162 -8.75 41.98 19.85
N ILE E 163 -8.69 42.43 18.61
CA ILE E 163 -7.45 42.52 17.78
C ILE E 163 -6.31 43.17 18.55
N ASP E 164 -6.58 44.29 19.24
CA ASP E 164 -5.53 44.97 20.03
C ASP E 164 -4.88 43.96 20.98
N ASP E 165 -5.68 43.21 21.73
CA ASP E 165 -5.10 42.23 22.68
C ASP E 165 -4.19 41.25 21.93
N VAL E 166 -4.63 40.73 20.79
CA VAL E 166 -3.80 39.72 20.07
C VAL E 166 -2.43 40.31 19.72
N ALA E 167 -2.37 41.57 19.27
CA ALA E 167 -1.06 42.18 18.95
C ALA E 167 -0.22 42.26 20.22
N ASP E 168 -0.85 42.65 21.32
CA ASP E 168 -0.13 42.76 22.62
C ASP E 168 0.54 41.40 22.91
N THR E 169 -0.25 40.33 22.95
CA THR E 169 0.29 38.99 23.23
C THR E 169 1.39 38.69 22.22
N LEU E 170 1.14 38.99 20.95
CA LEU E 170 2.17 38.78 19.94
C LEU E 170 3.44 39.52 20.33
N MET E 171 3.32 40.82 20.63
CA MET E 171 4.47 41.61 21.04
C MET E 171 5.14 41.02 22.28
N ARG E 172 4.34 40.53 23.23
CA ARG E 172 4.91 39.84 24.39
C ARG E 172 5.58 38.54 23.97
N LYS E 173 4.97 37.82 23.03
CA LYS E 173 5.58 36.58 22.53
C LYS E 173 6.90 36.86 21.83
N LEU E 174 6.97 37.95 21.06
CA LEU E 174 8.26 38.39 20.54
C LEU E 174 9.20 38.77 21.68
N GLY E 175 8.68 39.40 22.72
CA GLY E 175 9.48 39.85 23.84
C GLY E 175 10.07 38.72 24.67
N ARG F 9 -1.26 61.95 -28.83
CA ARG F 9 0.22 61.94 -28.68
C ARG F 9 0.65 63.08 -27.76
N ARG F 10 -0.28 63.59 -26.95
CA ARG F 10 -0.02 64.71 -26.00
C ARG F 10 0.59 65.91 -26.73
N PRO F 11 0.03 66.36 -27.87
CA PRO F 11 0.58 67.49 -28.63
C PRO F 11 -0.17 68.79 -28.31
N VAL F 14 -2.16 71.92 -22.60
CA VAL F 14 -1.77 72.68 -21.39
C VAL F 14 -2.86 72.60 -20.33
N PRO F 15 -2.56 72.16 -19.10
CA PRO F 15 -3.53 72.24 -18.02
C PRO F 15 -3.42 73.58 -17.26
N VAL F 16 -2.19 74.06 -17.05
CA VAL F 16 -1.95 75.36 -16.34
C VAL F 16 -1.65 76.43 -17.39
N GLU F 17 -2.12 77.66 -17.17
CA GLU F 17 -1.89 78.77 -18.13
C GLU F 17 -0.68 79.61 -17.67
N ALA F 18 0.41 79.56 -18.45
CA ALA F 18 1.63 80.33 -18.12
C ALA F 18 2.53 80.42 -19.36
N ILE F 19 2.25 81.37 -20.27
CA ILE F 19 3.06 81.55 -21.49
C ILE F 19 2.85 82.94 -22.11
N GLU F 20 3.15 83.08 -23.41
CA GLU F 20 3.08 84.40 -24.12
C GLU F 20 2.30 84.37 -25.44
N PHE F 21 2.63 83.50 -26.41
CA PHE F 21 1.92 83.43 -27.71
C PHE F 21 2.21 82.11 -28.44
N LEU F 22 1.50 81.85 -29.56
CA LEU F 22 1.88 80.73 -30.47
C LEU F 22 1.47 81.11 -31.90
N ARG F 23 2.20 80.61 -32.90
CA ARG F 23 1.89 80.93 -34.32
C ARG F 23 2.51 79.88 -35.24
N ALA F 71 10.45 78.38 -17.21
CA ALA F 71 11.06 78.67 -18.54
C ALA F 71 10.16 78.08 -19.64
N GLY F 72 10.22 78.67 -20.84
CA GLY F 72 9.41 78.20 -21.98
C GLY F 72 10.13 77.12 -22.76
N ALA F 73 9.36 76.19 -23.37
CA ALA F 73 9.96 75.09 -24.16
C ALA F 73 8.91 74.52 -25.12
N ARG F 74 9.28 74.61 -26.39
CA ARG F 74 8.47 74.28 -27.59
C ARG F 74 9.38 73.84 -28.74
N LEU F 75 9.67 72.54 -28.80
CA LEU F 75 10.45 71.95 -29.92
C LEU F 75 9.86 70.56 -30.20
N ILE F 76 8.54 70.53 -30.43
CA ILE F 76 7.73 69.31 -30.66
C ILE F 76 7.85 68.38 -29.45
N SER F 77 7.49 68.91 -28.25
CA SER F 77 7.55 68.16 -26.97
C SER F 77 6.84 68.92 -25.83
N ALA F 78 5.63 68.50 -25.48
CA ALA F 78 4.87 69.05 -24.34
C ALA F 78 5.80 69.14 -23.11
N PRO F 79 6.01 70.35 -22.60
CA PRO F 79 6.88 70.56 -21.42
C PRO F 79 6.02 70.87 -20.18
N ASP F 80 6.38 70.28 -19.04
CA ASP F 80 5.64 70.50 -17.77
C ASP F 80 4.14 70.21 -17.99
N SER F 81 3.81 69.02 -18.47
CA SER F 81 2.39 68.63 -18.72
C SER F 81 2.07 67.32 -17.98
N GLN F 82 0.94 66.70 -18.32
CA GLN F 82 0.52 65.42 -17.69
C GLN F 82 -0.19 64.55 -18.73
N ARG F 83 0.15 63.25 -18.75
CA ARG F 83 -0.45 62.30 -19.72
C ARG F 83 -0.65 60.93 -19.04
N GLY F 84 -1.35 60.02 -19.72
CA GLY F 84 -1.59 58.67 -19.17
C GLY F 84 -2.76 57.99 -19.87
N GLU F 85 -2.61 56.69 -20.17
CA GLU F 85 -3.67 55.93 -20.84
C GLU F 85 -3.45 54.45 -20.51
N ARG F 86 -4.22 53.58 -21.17
CA ARG F 86 -4.15 52.13 -20.98
C ARG F 86 -3.54 51.39 -22.16
N LEU F 87 -3.94 51.71 -23.39
CA LEU F 87 -3.40 51.11 -24.61
C LEU F 87 -4.00 51.80 -25.84
N VAL F 88 -3.14 52.25 -26.76
CA VAL F 88 -3.58 52.91 -27.98
C VAL F 88 -3.55 51.89 -29.11
N ASP F 89 -4.53 51.99 -30.01
CA ASP F 89 -4.83 50.93 -30.95
C ASP F 89 -4.75 51.42 -32.40
N ALA F 90 -4.42 50.48 -33.29
CA ALA F 90 -4.47 50.69 -34.73
C ALA F 90 -5.85 50.35 -35.30
N VAL F 91 -6.89 50.92 -34.66
CA VAL F 91 -8.21 50.91 -35.24
C VAL F 91 -8.25 51.74 -36.52
N ALA F 92 -7.35 52.71 -36.64
CA ALA F 92 -7.22 53.49 -37.88
C ALA F 92 -6.52 52.69 -38.98
N MET F 93 -5.56 51.84 -38.61
CA MET F 93 -4.91 50.99 -39.61
C MET F 93 -5.91 50.02 -40.22
N MET F 94 -6.81 49.47 -39.40
CA MET F 94 -7.86 48.60 -39.92
C MET F 94 -8.73 49.33 -40.93
N ASP F 95 -9.14 50.56 -40.61
CA ASP F 95 -9.96 51.35 -41.51
C ASP F 95 -9.21 51.77 -42.78
N LYS F 96 -7.88 51.86 -42.72
CA LYS F 96 -7.11 52.17 -43.91
C LYS F 96 -7.13 50.99 -44.88
N LEU F 97 -6.70 49.82 -44.42
CA LEU F 97 -6.70 48.62 -45.24
C LEU F 97 -8.11 48.18 -45.63
N ARG F 98 -9.13 48.58 -44.87
CA ARG F 98 -10.50 48.22 -45.18
C ARG F 98 -10.94 48.69 -46.55
N THR F 99 -10.26 49.70 -47.12
CA THR F 99 -10.51 50.12 -48.50
C THR F 99 -9.23 50.32 -49.29
N ALA F 100 -8.08 49.89 -48.78
CA ALA F 100 -6.83 49.96 -49.53
C ALA F 100 -6.47 48.64 -50.21
N GLY F 101 -7.05 47.54 -49.77
CA GLY F 101 -6.85 46.26 -50.40
C GLY F 101 -8.16 45.70 -50.94
N PRO F 102 -8.13 45.20 -52.18
CA PRO F 102 -9.39 44.78 -52.83
C PRO F 102 -10.10 43.63 -52.17
N TRP F 103 -9.38 42.72 -51.48
CA TRP F 103 -10.06 41.62 -50.79
C TRP F 103 -10.86 42.11 -49.60
N GLU F 104 -10.18 42.77 -48.65
CA GLU F 104 -10.87 43.35 -47.51
C GLU F 104 -11.95 44.33 -47.96
N SER F 105 -11.76 44.95 -49.13
CA SER F 105 -12.76 45.88 -49.66
C SER F 105 -14.11 45.21 -49.83
N GLU F 106 -14.12 44.00 -50.40
CA GLU F 106 -15.37 43.34 -50.76
C GLU F 106 -15.74 42.21 -49.81
N GLN F 107 -14.97 41.97 -48.76
CA GLN F 107 -15.38 41.01 -47.76
C GLN F 107 -16.65 41.50 -47.05
N THR F 108 -17.37 40.57 -46.44
CA THR F 108 -18.62 40.91 -45.77
C THR F 108 -18.64 40.21 -44.41
N HIS F 109 -19.84 40.03 -43.86
CA HIS F 109 -19.95 39.50 -42.50
C HIS F 109 -19.93 37.98 -42.47
N ASP F 110 -20.60 37.33 -43.42
CA ASP F 110 -20.51 35.87 -43.46
C ASP F 110 -19.24 35.41 -44.15
N SER F 111 -18.73 36.17 -45.12
CA SER F 111 -17.44 35.84 -45.72
C SER F 111 -16.32 35.89 -44.68
N LEU F 112 -16.43 36.79 -43.71
CA LEU F 112 -15.50 36.83 -42.59
C LEU F 112 -15.89 35.92 -41.45
N ARG F 113 -17.13 35.39 -41.46
CA ARG F 113 -17.52 34.42 -40.44
C ARG F 113 -16.82 33.08 -40.66
N ARG F 114 -16.41 32.78 -41.89
CA ARG F 114 -15.78 31.50 -42.18
C ARG F 114 -14.48 31.33 -41.43
N TYR F 115 -13.71 32.42 -41.26
CA TYR F 115 -12.43 32.37 -40.58
C TYR F 115 -12.56 32.33 -39.07
N LEU F 116 -13.77 32.53 -38.53
CA LEU F 116 -13.93 32.74 -37.09
C LEU F 116 -13.69 31.46 -36.30
N LEU F 117 -14.24 30.34 -36.77
CA LEU F 117 -14.18 29.10 -35.98
C LEU F 117 -12.74 28.61 -35.82
N GLU F 118 -11.88 28.84 -36.82
CA GLU F 118 -10.52 28.31 -36.80
C GLU F 118 -9.57 29.21 -36.03
N GLU F 119 -9.75 30.52 -36.15
CA GLU F 119 -8.97 31.44 -35.33
C GLU F 119 -9.23 31.22 -33.84
N THR F 120 -10.47 30.88 -33.49
CA THR F 120 -10.77 30.53 -32.11
C THR F 120 -10.02 29.28 -31.68
N TYR F 121 -10.00 28.26 -32.55
CA TYR F 121 -9.23 27.06 -32.26
C TYR F 121 -7.73 27.36 -32.23
N GLU F 122 -7.27 28.24 -33.11
CA GLU F 122 -5.87 28.64 -33.10
C GLU F 122 -5.50 29.27 -31.76
N LEU F 123 -6.40 30.06 -31.18
CA LEU F 123 -6.16 30.66 -29.87
C LEU F 123 -6.24 29.60 -28.77
N LEU F 124 -7.15 28.64 -28.91
CA LEU F 124 -7.23 27.56 -27.92
C LEU F 124 -5.97 26.70 -27.95
N ASP F 125 -5.29 26.63 -29.09
CA ASP F 125 -3.99 25.98 -29.16
C ASP F 125 -3.02 26.64 -28.19
N ALA F 126 -2.88 27.97 -28.30
CA ALA F 126 -1.88 28.70 -27.53
C ALA F 126 -2.12 28.56 -26.03
N VAL F 127 -3.38 28.60 -25.60
CA VAL F 127 -3.68 28.47 -24.17
C VAL F 127 -3.10 27.18 -23.61
N ARG F 128 -3.06 26.12 -24.43
CA ARG F 128 -2.47 24.85 -24.03
C ARG F 128 -1.14 24.61 -24.71
N SER F 129 -0.38 25.67 -24.92
CA SER F 129 0.95 25.49 -25.55
C SER F 129 1.97 26.09 -24.61
N GLY F 130 1.64 27.28 -24.09
CA GLY F 130 2.53 28.00 -23.17
C GLY F 130 3.50 28.90 -23.93
N SER F 131 3.47 28.89 -25.25
CA SER F 131 4.38 29.79 -26.01
C SER F 131 3.70 31.13 -26.13
N VAL F 132 3.80 31.93 -25.07
CA VAL F 132 3.17 33.26 -24.96
C VAL F 132 3.36 34.02 -26.27
N ASP F 133 4.52 33.87 -26.90
CA ASP F 133 4.68 34.55 -28.18
C ASP F 133 3.64 34.06 -29.19
N GLN F 134 3.17 32.82 -29.04
CA GLN F 134 2.06 32.34 -29.86
C GLN F 134 0.72 32.82 -29.32
N LEU F 135 0.64 33.10 -28.02
CA LEU F 135 -0.61 33.53 -27.41
C LEU F 135 -1.00 34.93 -27.89
N ARG F 136 -0.09 35.90 -27.72
CA ARG F 136 -0.36 37.24 -28.20
C ARG F 136 -0.45 37.30 -29.72
N GLU F 137 0.18 36.35 -30.42
CA GLU F 137 0.09 36.34 -31.89
C GLU F 137 -1.32 36.05 -32.35
N GLU F 138 -1.98 35.05 -31.75
CA GLU F 138 -3.35 34.74 -32.11
C GLU F 138 -4.35 35.62 -31.37
N LEU F 139 -3.98 36.12 -30.19
CA LEU F 139 -4.80 37.16 -29.55
C LEU F 139 -4.96 38.37 -30.46
N GLY F 140 -3.95 38.67 -31.28
CA GLY F 140 -4.07 39.75 -32.24
C GLY F 140 -4.89 39.39 -33.46
N ASP F 141 -4.97 38.11 -33.79
CA ASP F 141 -5.80 37.68 -34.91
C ASP F 141 -7.29 37.67 -34.54
N LEU F 142 -7.60 37.40 -33.28
CA LEU F 142 -8.99 37.51 -32.82
C LEU F 142 -9.39 38.98 -32.72
N LEU F 143 -8.43 39.82 -32.34
CA LEU F 143 -8.64 41.27 -32.36
C LEU F 143 -8.87 41.77 -33.78
N LEU F 144 -8.27 41.11 -34.77
CA LEU F 144 -8.51 41.50 -36.15
C LEU F 144 -9.95 41.20 -36.54
N GLN F 145 -10.46 40.03 -36.14
CA GLN F 145 -11.85 39.69 -36.41
C GLN F 145 -12.79 40.77 -35.89
N VAL F 146 -12.59 41.24 -34.66
CA VAL F 146 -13.57 42.17 -34.11
C VAL F 146 -13.50 43.52 -34.79
N LEU F 147 -12.29 44.04 -35.05
CA LEU F 147 -12.20 45.35 -35.70
C LEU F 147 -12.39 45.26 -37.20
N PHE F 148 -12.23 44.08 -37.79
CA PHE F 148 -12.65 43.90 -39.18
C PHE F 148 -14.16 43.95 -39.29
N HIS F 149 -14.86 43.16 -38.46
CA HIS F 149 -16.32 43.15 -38.52
C HIS F 149 -16.89 44.51 -38.16
N ALA F 150 -16.35 45.16 -37.12
CA ALA F 150 -16.85 46.46 -36.72
C ALA F 150 -16.57 47.53 -37.77
N ARG F 151 -15.52 47.34 -38.57
CA ARG F 151 -15.27 48.26 -39.67
C ARG F 151 -16.23 47.99 -40.83
N ILE F 152 -16.56 46.72 -41.08
CA ILE F 152 -17.51 46.41 -42.14
C ILE F 152 -18.86 47.05 -41.87
N ALA F 153 -19.23 47.05 -40.59
CA ALA F 153 -20.52 47.60 -40.16
C ALA F 153 -20.45 49.13 -40.21
N GLU F 154 -19.36 49.67 -40.72
CA GLU F 154 -19.27 51.15 -40.83
C GLU F 154 -19.64 51.57 -42.24
N ASP F 155 -20.10 50.63 -43.05
CA ASP F 155 -20.48 50.92 -44.45
C ASP F 155 -21.86 50.33 -44.72
N ALA F 156 -22.62 50.07 -43.65
CA ALA F 156 -23.98 49.52 -43.75
C ALA F 156 -24.96 50.61 -44.15
N SER F 157 -26.14 50.22 -44.63
CA SER F 157 -27.10 51.27 -45.04
C SER F 157 -28.26 51.38 -44.05
N GLN F 158 -28.88 50.25 -43.69
CA GLN F 158 -30.06 50.29 -42.79
C GLN F 158 -29.75 50.72 -41.36
N SER F 159 -28.70 50.17 -40.74
CA SER F 159 -28.41 50.52 -39.34
C SER F 159 -26.90 50.50 -39.09
N PRO F 160 -26.06 51.06 -39.97
CA PRO F 160 -24.61 51.01 -39.79
C PRO F 160 -24.15 51.56 -38.44
N PHE F 161 -23.18 50.88 -37.85
CA PHE F 161 -22.60 51.34 -36.57
C PHE F 161 -21.08 51.30 -36.70
N THR F 162 -20.42 51.97 -35.77
CA THR F 162 -18.95 52.07 -35.83
C THR F 162 -18.31 51.36 -34.65
N ILE F 163 -17.04 51.04 -34.80
CA ILE F 163 -16.26 50.34 -33.77
C ILE F 163 -16.41 51.02 -32.41
N ASP F 164 -16.69 52.32 -32.41
CA ASP F 164 -16.87 53.02 -31.14
C ASP F 164 -18.11 52.53 -30.41
N ASP F 165 -19.18 52.22 -31.16
CA ASP F 165 -20.45 51.89 -30.50
C ASP F 165 -20.41 50.54 -29.83
N VAL F 166 -19.77 49.55 -30.45
CA VAL F 166 -19.73 48.21 -29.85
C VAL F 166 -18.94 48.23 -28.55
N ALA F 167 -17.99 49.16 -28.41
CA ALA F 167 -17.35 49.35 -27.10
C ALA F 167 -18.33 49.89 -26.09
N ASP F 168 -19.23 50.79 -26.51
CA ASP F 168 -20.25 51.28 -25.59
C ASP F 168 -21.14 50.14 -25.11
N THR F 169 -21.55 49.24 -26.02
CA THR F 169 -22.46 48.17 -25.65
C THR F 169 -21.90 47.25 -24.57
N LEU F 170 -20.57 47.09 -24.49
CA LEU F 170 -19.98 46.21 -23.49
C LEU F 170 -20.04 46.84 -22.11
N MET F 171 -19.49 48.06 -22.14
CA MET F 171 -19.38 49.00 -21.00
C MET F 171 -20.76 49.02 -20.39
N ARG F 172 -21.77 49.07 -21.25
CA ARG F 172 -23.17 49.10 -20.81
C ARG F 172 -23.46 47.85 -19.99
N LYS F 173 -22.94 46.68 -20.36
CA LYS F 173 -23.21 45.55 -19.48
C LYS F 173 -22.59 45.85 -18.11
N LEU F 174 -23.46 45.84 -17.11
CA LEU F 174 -23.23 46.07 -15.67
C LEU F 174 -24.52 45.59 -15.04
N GLY F 175 -24.43 44.60 -14.17
CA GLY F 175 -25.62 43.94 -13.65
C GLY F 175 -25.83 44.14 -12.16
#